data_8XVP
#
_entry.id   8XVP
#
_cell.length_a   69.910
_cell.length_b   98.690
_cell.length_c   139.490
_cell.angle_alpha   90.00
_cell.angle_beta   90.00
_cell.angle_gamma   90.00
#
_symmetry.space_group_name_H-M   'P 21 21 21'
#
loop_
_entity.id
_entity.type
_entity.pdbx_description
1 polymer Inulosucrase
2 non-polymer 'CALCIUM ION'
3 non-polymer GLYCEROL
4 water water
#
_entity_poly.entity_id   1
_entity_poly.type   'polypeptide(L)'
_entity_poly.pdbx_seq_one_letter_code
;MLERKEHKKMYKSGKNWAVVTLSTAALVFGATTVNASADTNIENNDSSTVQVTTGDNDIAVKSVTLGSGQVSAASDTTIR
TSANANSASSAANTQNSNSQVASSAAITSSTSSAASSNNTDSKAAQENTNTAKNDDTQKAAPANESSEAKNEPAVNVNDS
SAAKNDDQQSSKKNTTAKLNKDAENVVKKAGIDPNSLTDDQIKALNKMNFSKAAKSGTQMTYNDFQKIADTLIKQDGRYT
VPFFKASEIKNMPAATTKDAQTNTIEPLDVWDSWPVQDVRTGQVANWNGYQLVIAMMGIPNQNDNHIYLLYNKYGDNELS
HWKNVGPIFGYNSTAVSQEWSGSAVLNSDNSIQLFYTRVDTSDNNTNHQKIASATLYLTDNNGNVSLAQVANDHIVFEGD
GYYYQTYDQWKATNKGADNIAMRDAHVIEDDNGDRYLVFEASTGLENYQGEDQIYNWLNYGGDDAFNIKSLFRILSNDDI
KSRATWANAAIGILKLNKDEKNPKVAELYSPLISAPMVSDEIERPNVVKLGNKYYLFAATRLNRGSNDDAWMNANYAVGD
NVAMVGYVADSLTGSYKPLNDSGVVLTASVPANWRTATYSYYAVPVAGKDDQVLVTSYMTNRNGVAGKGMDSTWAPSFLL
QINPDNTTTVLAKMTNQGDWIWDDSSENLDMIGDLDSAALPGERDKPVDWDLIGYGLKPHDPATPNDPETPTTPETPETP
NTPKTPKTPENPGTPQTPNTPNTPEIPLTPETPKQPETQTNNRLPQTGNNANKAMIGLGMGTLLSMFGLAEINKRRFN
;
_entity_poly.pdbx_strand_id   A,B
#
# COMPACT_ATOMS: atom_id res chain seq x y z
N LYS A 178 -2.82 -28.90 -20.38
CA LYS A 178 -2.72 -30.21 -19.65
C LYS A 178 -1.58 -30.32 -18.60
N LEU A 179 -1.95 -30.69 -17.38
CA LEU A 179 -1.02 -30.83 -16.24
C LEU A 179 -0.09 -32.02 -16.35
N ASN A 180 1.21 -31.82 -16.10
CA ASN A 180 2.12 -32.95 -15.96
C ASN A 180 1.75 -33.75 -14.70
N LYS A 181 2.36 -34.92 -14.53
CA LYS A 181 1.93 -35.83 -13.46
C LYS A 181 2.26 -35.33 -12.07
N ASP A 182 3.39 -34.62 -11.92
CA ASP A 182 3.73 -34.02 -10.61
C ASP A 182 2.75 -32.93 -10.23
N ALA A 183 2.47 -32.04 -11.18
CA ALA A 183 1.45 -31.00 -11.01
C ALA A 183 0.09 -31.64 -10.71
N GLU A 184 -0.22 -32.71 -11.43
CA GLU A 184 -1.46 -33.43 -11.20
C GLU A 184 -1.53 -34.05 -9.78
N ASN A 185 -0.40 -34.60 -9.29
CA ASN A 185 -0.33 -35.14 -7.91
C ASN A 185 -0.63 -34.11 -6.84
N VAL A 186 0.05 -32.97 -6.91
CA VAL A 186 -0.12 -31.92 -5.90
C VAL A 186 -1.50 -31.28 -5.95
N VAL A 187 -2.09 -31.17 -7.15
CA VAL A 187 -3.43 -30.59 -7.31
C VAL A 187 -4.48 -31.46 -6.59
N LYS A 188 -4.33 -32.78 -6.72
CA LYS A 188 -5.28 -33.73 -6.12
C LYS A 188 -5.12 -33.80 -4.59
N LYS A 189 -3.87 -33.86 -4.12
CA LYS A 189 -3.57 -33.79 -2.68
C LYS A 189 -4.05 -32.49 -2.04
N ALA A 190 -4.08 -31.40 -2.81
CA ALA A 190 -4.67 -30.14 -2.35
C ALA A 190 -6.21 -30.18 -2.34
N GLY A 191 -6.80 -31.21 -2.92
CA GLY A 191 -8.25 -31.36 -2.89
C GLY A 191 -8.93 -30.25 -3.65
N ILE A 192 -8.35 -29.87 -4.79
CA ILE A 192 -8.98 -28.95 -5.72
C ILE A 192 -9.15 -29.63 -7.10
N ASP A 193 -10.21 -29.23 -7.81
CA ASP A 193 -10.59 -29.83 -9.07
C ASP A 193 -9.76 -29.27 -10.23
N PRO A 194 -9.06 -30.15 -10.97
CA PRO A 194 -8.26 -29.70 -12.10
C PRO A 194 -9.01 -28.86 -13.16
N ASN A 195 -10.31 -29.06 -13.34
CA ASN A 195 -11.08 -28.31 -14.34
C ASN A 195 -11.35 -26.85 -13.97
N SER A 196 -11.26 -26.54 -12.69
CA SER A 196 -11.40 -25.17 -12.23
C SER A 196 -10.12 -24.34 -12.42
N LEU A 197 -9.03 -24.95 -12.88
CA LEU A 197 -7.77 -24.22 -13.08
C LEU A 197 -7.71 -23.55 -14.45
N THR A 198 -7.28 -22.30 -14.49
CA THR A 198 -7.09 -21.59 -15.77
C THR A 198 -5.87 -22.14 -16.50
N ASP A 199 -5.77 -21.82 -17.79
CA ASP A 199 -4.58 -22.18 -18.56
C ASP A 199 -3.32 -21.57 -17.98
N ASP A 200 -3.38 -20.31 -17.57
CA ASP A 200 -2.24 -19.65 -16.91
C ASP A 200 -1.82 -20.38 -15.63
N GLN A 201 -2.79 -20.87 -14.86
CA GLN A 201 -2.51 -21.63 -13.64
C GLN A 201 -1.88 -23.00 -13.94
N ILE A 202 -2.44 -23.71 -14.91
CA ILE A 202 -1.86 -24.97 -15.36
C ILE A 202 -0.41 -24.81 -15.81
N LYS A 203 -0.15 -23.84 -16.67
CA LYS A 203 1.22 -23.65 -17.18
C LYS A 203 2.18 -23.21 -16.06
N ALA A 204 1.67 -22.53 -15.03
CA ALA A 204 2.49 -22.26 -13.83
C ALA A 204 2.89 -23.55 -13.12
N LEU A 205 1.92 -24.41 -12.84
CA LEU A 205 2.18 -25.69 -12.14
C LEU A 205 3.14 -26.59 -12.94
N ASN A 206 3.06 -26.55 -14.26
CA ASN A 206 4.01 -27.30 -15.09
C ASN A 206 5.45 -26.74 -15.09
N LYS A 207 5.61 -25.47 -14.70
CA LYS A 207 6.94 -24.89 -14.45
C LYS A 207 7.50 -25.25 -13.07
N MET A 208 6.63 -25.65 -12.13
CA MET A 208 7.09 -25.89 -10.76
C MET A 208 8.20 -26.95 -10.73
N ASN A 209 9.23 -26.68 -9.95
CA ASN A 209 10.35 -27.59 -9.71
C ASN A 209 10.11 -28.16 -8.31
N PHE A 210 9.80 -29.45 -8.25
CA PHE A 210 9.40 -30.12 -7.02
C PHE A 210 10.54 -30.86 -6.34
N SER A 211 11.73 -30.85 -6.94
CA SER A 211 12.80 -31.73 -6.47
C SER A 211 14.15 -31.06 -6.23
N LYS A 212 14.17 -29.74 -6.14
CA LYS A 212 15.41 -29.02 -5.82
C LYS A 212 15.83 -29.40 -4.39
N ALA A 213 17.08 -29.86 -4.26
CA ALA A 213 17.64 -30.21 -2.95
C ALA A 213 17.97 -28.94 -2.18
N ALA A 214 17.54 -28.86 -0.94
CA ALA A 214 17.87 -27.69 -0.13
C ALA A 214 19.38 -27.41 -0.21
N LYS A 215 19.78 -26.14 -0.28
CA LYS A 215 21.18 -25.82 -0.09
C LYS A 215 21.43 -26.05 1.41
N SER A 216 22.68 -26.07 1.84
CA SER A 216 22.99 -26.10 3.27
C SER A 216 22.12 -25.08 4.03
N GLY A 217 22.05 -25.18 5.35
CA GLY A 217 21.31 -24.19 6.13
C GLY A 217 19.78 -24.34 6.11
N THR A 218 19.10 -23.33 6.61
CA THR A 218 17.66 -23.37 6.81
C THR A 218 16.98 -22.16 6.18
N GLN A 219 15.80 -22.38 5.62
CA GLN A 219 15.05 -21.32 4.95
C GLN A 219 13.91 -20.85 5.80
N MET A 220 13.68 -19.54 5.77
CA MET A 220 12.39 -19.02 6.19
C MET A 220 11.55 -19.19 4.93
N THR A 221 10.58 -20.11 4.99
CA THR A 221 9.72 -20.40 3.85
C THR A 221 8.52 -19.45 3.80
N TYR A 222 7.72 -19.55 2.74
CA TYR A 222 6.57 -18.68 2.56
C TYR A 222 5.56 -19.00 3.66
N ASN A 223 5.47 -20.28 4.01
CA ASN A 223 4.63 -20.68 5.12
C ASN A 223 5.10 -20.13 6.47
N ASP A 224 6.41 -20.16 6.71
CA ASP A 224 6.99 -19.58 7.93
C ASP A 224 6.65 -18.10 8.06
N PHE A 225 6.84 -17.36 6.97
CA PHE A 225 6.59 -15.93 6.95
C PHE A 225 5.12 -15.66 7.26
N GLN A 226 4.23 -16.38 6.60
CA GLN A 226 2.80 -16.21 6.83
C GLN A 226 2.44 -16.49 8.32
N LYS A 227 3.02 -17.53 8.91
CA LYS A 227 2.76 -17.83 10.31
C LYS A 227 3.31 -16.75 11.26
N ILE A 228 4.49 -16.23 10.95
CA ILE A 228 5.04 -15.12 11.73
C ILE A 228 4.04 -13.92 11.73
N ALA A 229 3.57 -13.55 10.55
CA ALA A 229 2.63 -12.45 10.44
C ALA A 229 1.31 -12.75 11.16
N ASP A 230 0.82 -13.99 11.01
CA ASP A 230 -0.40 -14.42 11.69
C ASP A 230 -0.28 -14.31 13.20
N THR A 231 0.87 -14.74 13.73
CA THR A 231 1.16 -14.62 15.14
C THR A 231 1.18 -13.15 15.56
N LEU A 232 1.83 -12.30 14.78
CA LEU A 232 1.83 -10.87 15.06
C LEU A 232 0.40 -10.32 15.11
N ILE A 233 -0.42 -10.70 14.13
CA ILE A 233 -1.82 -10.23 14.08
C ILE A 233 -2.61 -10.67 15.34
N LYS A 234 -2.35 -11.89 15.81
CA LYS A 234 -2.98 -12.41 17.04
C LYS A 234 -2.59 -11.71 18.33
N GLN A 235 -1.41 -11.11 18.38
CA GLN A 235 -0.98 -10.35 19.56
C GLN A 235 -1.00 -11.26 20.79
N ASP A 236 -0.39 -12.42 20.62
CA ASP A 236 -0.24 -13.41 21.65
C ASP A 236 0.84 -12.94 22.63
N GLY A 237 0.46 -12.81 23.90
CA GLY A 237 1.36 -12.36 24.97
C GLY A 237 2.65 -13.12 25.11
N ARG A 238 2.70 -14.35 24.60
CA ARG A 238 3.95 -15.09 24.57
C ARG A 238 5.05 -14.43 23.70
N TYR A 239 4.66 -13.71 22.65
CA TYR A 239 5.58 -13.13 21.69
C TYR A 239 5.50 -11.63 21.54
N THR A 240 4.43 -11.00 21.99
CA THR A 240 4.30 -9.55 21.81
C THR A 240 5.36 -8.81 22.61
N VAL A 241 5.94 -7.81 21.96
CA VAL A 241 6.81 -6.87 22.61
C VAL A 241 5.91 -6.23 23.68
N PRO A 242 6.38 -6.19 24.92
CA PRO A 242 5.56 -5.62 26.01
C PRO A 242 5.16 -4.20 25.75
N PHE A 243 4.05 -3.78 26.35
CA PHE A 243 3.66 -2.39 26.27
C PHE A 243 4.54 -1.61 27.23
N PHE A 244 5.04 -0.47 26.76
CA PHE A 244 5.86 0.42 27.54
C PHE A 244 4.98 1.58 27.95
N LYS A 245 5.10 1.99 29.21
CA LYS A 245 4.39 3.17 29.70
C LYS A 245 4.94 4.43 29.06
N ALA A 246 4.14 5.03 28.18
CA ALA A 246 4.58 6.12 27.33
C ALA A 246 5.00 7.41 28.05
N SER A 247 4.38 7.72 29.20
CA SER A 247 4.73 8.90 30.00
C SER A 247 6.19 8.91 30.43
N GLU A 248 6.78 7.73 30.54
CA GLU A 248 8.13 7.57 31.07
C GLU A 248 9.20 7.80 30.01
N ILE A 249 8.81 7.86 28.73
CA ILE A 249 9.83 7.79 27.67
C ILE A 249 10.46 9.15 27.43
N LYS A 250 11.79 9.19 27.52
CA LYS A 250 12.56 10.40 27.26
C LYS A 250 13.61 10.21 26.19
N ASN A 251 14.03 11.33 25.60
CA ASN A 251 15.16 11.37 24.71
C ASN A 251 16.40 11.07 25.53
N MET A 252 17.39 10.44 24.91
CA MET A 252 18.59 10.09 25.63
C MET A 252 19.49 11.31 25.67
N PRO A 253 19.83 11.79 26.89
CA PRO A 253 20.71 12.95 26.99
C PRO A 253 21.98 12.88 26.16
N ALA A 254 22.65 11.72 26.16
CA ALA A 254 23.88 11.52 25.41
C ALA A 254 23.69 11.56 23.87
N ALA A 255 22.43 11.51 23.40
CA ALA A 255 22.14 11.69 21.98
C ALA A 255 22.09 13.15 21.56
N THR A 256 22.18 14.06 22.53
CA THR A 256 22.44 15.46 22.22
C THR A 256 23.95 15.62 22.32
N THR A 257 24.60 15.79 21.18
CA THR A 257 26.03 15.68 21.13
C THR A 257 26.50 16.36 19.88
N LYS A 258 27.81 16.61 19.78
CA LYS A 258 28.39 17.24 18.61
C LYS A 258 28.25 16.27 17.44
N ASP A 259 27.62 16.72 16.36
CA ASP A 259 27.29 15.84 15.24
C ASP A 259 28.51 15.58 14.37
N ALA A 260 28.67 14.33 13.94
CA ALA A 260 29.83 13.91 13.17
C ALA A 260 30.00 14.65 11.88
N GLN A 261 28.91 15.11 11.27
CA GLN A 261 28.97 15.77 9.97
C GLN A 261 28.97 17.31 10.09
N THR A 262 28.06 17.87 10.87
CA THR A 262 27.92 19.33 10.96
C THR A 262 28.88 19.99 11.95
N ASN A 263 29.45 19.17 12.84
CA ASN A 263 30.30 19.62 13.95
C ASN A 263 29.60 20.51 14.96
N THR A 264 28.28 20.42 15.06
CA THR A 264 27.55 21.25 16.02
C THR A 264 26.76 20.37 16.98
N ILE A 265 26.59 20.83 18.21
CA ILE A 265 25.89 20.06 19.23
C ILE A 265 24.42 20.11 18.81
N GLU A 266 23.77 18.95 18.66
CA GLU A 266 22.37 18.87 18.21
C GLU A 266 21.71 17.66 18.86
N PRO A 267 20.40 17.72 19.03
CA PRO A 267 19.71 16.52 19.50
C PRO A 267 19.54 15.54 18.34
N LEU A 268 20.16 14.37 18.48
CA LEU A 268 20.20 13.38 17.40
C LEU A 268 19.21 12.27 17.65
N ASP A 269 18.75 11.64 16.57
CA ASP A 269 18.14 10.33 16.68
C ASP A 269 19.23 9.40 17.12
N VAL A 270 18.95 8.53 18.08
CA VAL A 270 19.80 7.37 18.28
C VAL A 270 19.00 6.13 17.96
N TRP A 271 19.54 5.29 17.09
CA TRP A 271 18.89 4.01 16.77
C TRP A 271 19.78 2.77 17.05
N ASP A 272 20.19 2.04 16.01
CA ASP A 272 20.83 0.74 16.21
C ASP A 272 22.01 0.91 17.17
N SER A 273 22.03 0.11 18.21
CA SER A 273 23.08 0.17 19.21
C SER A 273 23.52 -1.24 19.62
N TRP A 274 24.77 -1.36 20.06
CA TRP A 274 25.27 -2.63 20.59
C TRP A 274 26.32 -2.44 21.66
N PRO A 275 26.34 -3.33 22.65
CA PRO A 275 27.33 -3.18 23.72
C PRO A 275 28.64 -3.84 23.33
N VAL A 276 29.74 -3.43 23.94
CA VAL A 276 30.95 -4.21 23.80
C VAL A 276 30.72 -5.47 24.63
N GLN A 277 30.96 -6.62 24.05
CA GLN A 277 30.71 -7.90 24.69
C GLN A 277 31.91 -8.81 24.80
N ASP A 278 31.77 -9.81 25.64
CA ASP A 278 32.79 -10.79 25.79
C ASP A 278 32.64 -11.63 24.53
N VAL A 279 33.71 -11.81 23.80
CA VAL A 279 33.67 -12.53 22.55
C VAL A 279 33.24 -14.00 22.68
N ARG A 280 33.51 -14.61 23.80
CA ARG A 280 33.17 -16.01 24.01
C ARG A 280 31.71 -16.22 24.50
N THR A 281 31.33 -15.50 25.52
CA THR A 281 30.03 -15.60 26.13
C THR A 281 28.94 -14.61 25.72
N GLY A 282 29.28 -13.54 25.04
CA GLY A 282 28.31 -12.51 24.70
C GLY A 282 27.88 -11.61 25.85
N GLN A 283 28.39 -11.83 27.06
CA GLN A 283 28.02 -10.98 28.22
C GLN A 283 28.50 -9.57 27.95
N VAL A 284 27.80 -8.57 28.48
CA VAL A 284 28.26 -7.21 28.34
C VAL A 284 29.61 -7.13 29.06
N ALA A 285 30.63 -6.63 28.36
CA ALA A 285 32.00 -6.57 28.90
C ALA A 285 32.14 -5.52 29.99
N ASN A 286 32.97 -5.84 30.98
CA ASN A 286 33.34 -4.88 32.00
C ASN A 286 34.73 -4.37 31.66
N TRP A 287 34.77 -3.14 31.14
CA TRP A 287 36.02 -2.53 30.76
C TRP A 287 36.38 -1.52 31.85
N ASN A 288 37.33 -1.90 32.70
CA ASN A 288 37.82 -1.04 33.78
C ASN A 288 36.70 -0.42 34.58
N GLY A 289 35.67 -1.22 34.86
CA GLY A 289 34.53 -0.74 35.66
C GLY A 289 33.43 -0.06 34.84
N TYR A 290 33.62 0.03 33.52
CA TYR A 290 32.62 0.62 32.63
C TYR A 290 31.94 -0.42 31.76
N GLN A 291 30.68 -0.12 31.43
CA GLN A 291 29.99 -0.70 30.29
C GLN A 291 30.10 0.28 29.12
N LEU A 292 30.21 -0.27 27.91
CA LEU A 292 30.50 0.52 26.70
C LEU A 292 29.49 0.10 25.64
N VAL A 293 28.91 1.09 24.94
CA VAL A 293 27.95 0.85 23.86
C VAL A 293 28.33 1.67 22.65
N ILE A 294 28.19 1.07 21.46
CA ILE A 294 28.40 1.80 20.22
C ILE A 294 27.03 1.97 19.55
N ALA A 295 26.79 3.16 19.01
CA ALA A 295 25.44 3.52 18.55
C ALA A 295 25.46 4.32 17.26
N MET A 296 24.52 4.03 16.36
CA MET A 296 24.26 4.89 15.19
C MET A 296 23.46 6.11 15.69
N MET A 297 23.91 7.29 15.30
CA MET A 297 23.20 8.54 15.62
C MET A 297 23.31 9.45 14.44
N GLY A 298 22.35 10.36 14.36
CA GLY A 298 22.36 11.36 13.30
C GLY A 298 21.18 12.32 13.42
N ILE A 299 21.30 13.42 12.70
CA ILE A 299 20.31 14.47 12.74
C ILE A 299 19.03 13.99 12.07
N PRO A 300 17.87 14.05 12.77
CA PRO A 300 16.59 13.69 12.13
C PRO A 300 16.40 14.36 10.78
N ASN A 301 15.98 13.57 9.79
CA ASN A 301 15.72 14.03 8.42
C ASN A 301 16.94 14.43 7.60
N GLN A 302 18.12 14.03 8.05
CA GLN A 302 19.34 14.22 7.26
C GLN A 302 19.95 12.87 6.96
N ASN A 303 20.67 12.79 5.85
CA ASN A 303 21.53 11.66 5.60
C ASN A 303 22.78 11.84 6.46
N ASP A 304 22.76 11.24 7.64
CA ASP A 304 23.78 11.43 8.64
C ASP A 304 23.94 10.12 9.42
N ASN A 305 24.60 9.17 8.79
CA ASN A 305 24.75 7.84 9.36
C ASN A 305 26.18 7.55 9.85
N HIS A 306 26.40 7.68 11.17
CA HIS A 306 27.71 7.50 11.78
C HIS A 306 27.56 6.90 13.18
N ILE A 307 28.62 6.28 13.68
CA ILE A 307 28.57 5.56 14.94
C ILE A 307 29.38 6.31 15.99
N TYR A 308 28.89 6.22 17.23
CA TYR A 308 29.40 6.93 18.39
C TYR A 308 29.65 5.95 19.51
N LEU A 309 30.64 6.25 20.34
CA LEU A 309 30.95 5.44 21.51
C LEU A 309 30.38 6.08 22.77
N LEU A 310 29.67 5.29 23.55
CA LEU A 310 29.10 5.77 24.80
C LEU A 310 29.57 4.93 25.97
N TYR A 311 29.60 5.54 27.16
CA TYR A 311 29.97 4.80 28.37
C TYR A 311 29.13 5.16 29.58
N ASN A 312 29.19 4.27 30.57
CA ASN A 312 28.54 4.46 31.85
C ASN A 312 29.21 3.46 32.77
N LYS A 313 29.06 3.64 34.07
CA LYS A 313 29.60 2.68 35.03
C LYS A 313 28.92 1.34 34.81
N TYR A 314 29.68 0.26 34.85
CA TYR A 314 29.13 -1.05 34.66
C TYR A 314 28.03 -1.31 35.69
N GLY A 315 26.85 -1.74 35.25
CA GLY A 315 25.75 -2.05 36.16
C GLY A 315 24.84 -0.86 36.48
N ASP A 316 25.28 0.35 36.12
CA ASP A 316 24.46 1.55 36.32
C ASP A 316 23.19 1.49 35.46
N ASN A 317 22.05 1.86 36.06
CA ASN A 317 20.74 1.67 35.46
C ASN A 317 20.05 2.95 34.98
N GLU A 318 20.76 4.06 34.95
CA GLU A 318 20.12 5.34 34.62
C GLU A 318 20.46 5.81 33.23
N LEU A 319 19.42 6.03 32.40
CA LEU A 319 19.61 6.50 31.01
C LEU A 319 20.48 7.74 30.95
N SER A 320 20.20 8.67 31.86
CA SER A 320 20.89 9.94 31.87
C SER A 320 22.35 9.84 32.31
N HIS A 321 22.78 8.75 32.94
CA HIS A 321 24.21 8.62 33.29
C HIS A 321 25.10 8.21 32.12
N TRP A 322 24.50 7.80 30.99
CA TRP A 322 25.31 7.55 29.80
C TRP A 322 25.90 8.82 29.26
N LYS A 323 27.13 8.74 28.78
CA LYS A 323 27.83 9.87 28.19
C LYS A 323 28.42 9.52 26.84
N ASN A 324 28.40 10.48 25.93
CA ASN A 324 28.85 10.26 24.56
C ASN A 324 30.30 10.71 24.39
N VAL A 325 31.17 9.77 24.04
CA VAL A 325 32.58 10.08 23.80
C VAL A 325 32.75 10.78 22.47
N GLY A 326 31.79 10.61 21.55
CA GLY A 326 31.86 11.21 20.20
C GLY A 326 31.88 10.16 19.08
N PRO A 327 31.93 10.62 17.82
CA PRO A 327 31.92 9.70 16.69
C PRO A 327 33.24 8.95 16.58
N ILE A 328 33.18 7.62 16.50
CA ILE A 328 34.36 6.76 16.41
C ILE A 328 35.32 7.24 15.32
N PHE A 329 34.78 7.58 14.16
CA PHE A 329 35.61 7.99 13.06
C PHE A 329 35.73 9.49 12.90
N GLY A 330 35.43 10.23 13.96
CA GLY A 330 35.74 11.66 13.99
C GLY A 330 34.73 12.61 13.38
N TYR A 331 35.03 13.89 13.57
CA TYR A 331 34.19 14.97 13.12
C TYR A 331 34.57 15.27 11.68
N ASN A 332 34.00 16.32 11.11
CA ASN A 332 34.16 16.63 9.70
C ASN A 332 33.85 15.49 8.74
N SER A 333 32.90 14.63 9.11
CA SER A 333 32.60 13.47 8.29
C SER A 333 31.52 13.86 7.28
N THR A 334 31.27 12.99 6.31
CA THR A 334 30.26 13.24 5.30
C THR A 334 29.44 11.98 4.98
N ALA A 335 28.39 12.17 4.22
CA ALA A 335 27.52 11.11 3.75
C ALA A 335 28.16 10.25 2.65
N VAL A 336 29.33 10.65 2.16
CA VAL A 336 30.05 9.87 1.15
C VAL A 336 30.66 8.61 1.73
N SER A 337 31.01 8.65 3.02
CA SER A 337 31.53 7.50 3.72
C SER A 337 30.84 7.38 5.10
N GLN A 338 29.97 6.40 5.23
CA GLN A 338 29.10 6.24 6.42
C GLN A 338 29.46 4.98 7.19
N GLU A 339 28.99 4.90 8.44
CA GLU A 339 29.12 3.72 9.23
C GLU A 339 27.72 3.23 9.64
N TRP A 340 27.40 1.99 9.29
CA TRP A 340 26.21 1.35 9.82
C TRP A 340 26.62 0.18 10.77
N SER A 341 25.68 -0.68 11.09
CA SER A 341 25.78 -1.44 12.32
C SER A 341 26.71 -2.64 12.24
N GLY A 342 27.07 -3.13 13.41
CA GLY A 342 27.93 -4.26 13.59
C GLY A 342 27.92 -4.75 15.03
N SER A 343 29.12 -4.95 15.57
CA SER A 343 29.29 -5.53 16.89
C SER A 343 30.66 -5.13 17.45
N ALA A 344 30.91 -5.45 18.72
CA ALA A 344 32.19 -5.09 19.33
C ALA A 344 32.50 -5.98 20.51
N VAL A 345 33.78 -6.36 20.62
CA VAL A 345 34.21 -7.21 21.73
C VAL A 345 35.54 -6.70 22.30
N LEU A 346 35.88 -7.21 23.49
CA LEU A 346 37.20 -7.00 24.07
C LEU A 346 38.21 -7.97 23.53
N ASN A 347 39.33 -7.44 23.07
CA ASN A 347 40.47 -8.26 22.76
C ASN A 347 41.18 -8.71 24.04
N SER A 348 42.10 -9.64 23.86
CA SER A 348 42.82 -10.24 25.00
C SER A 348 43.59 -9.19 25.77
N ASP A 349 44.08 -8.15 25.10
CA ASP A 349 44.78 -7.06 25.78
C ASP A 349 43.90 -5.91 26.26
N ASN A 350 42.58 -6.08 26.28
CA ASN A 350 41.67 -5.01 26.75
C ASN A 350 41.50 -3.77 25.83
N SER A 351 41.97 -3.88 24.60
CA SER A 351 41.50 -3.03 23.53
C SER A 351 40.15 -3.60 23.04
N ILE A 352 39.45 -2.84 22.21
CA ILE A 352 38.13 -3.23 21.67
C ILE A 352 38.24 -3.52 20.19
N GLN A 353 37.80 -4.69 19.76
CA GLN A 353 37.68 -4.96 18.33
C GLN A 353 36.24 -4.62 17.87
N LEU A 354 36.16 -3.64 16.97
CA LEU A 354 34.90 -3.17 16.40
C LEU A 354 34.75 -3.80 15.04
N PHE A 355 33.55 -4.32 14.81
CA PHE A 355 33.09 -4.69 13.50
C PHE A 355 31.92 -3.80 13.15
N TYR A 356 31.97 -3.22 11.96
CA TYR A 356 30.94 -2.29 11.54
C TYR A 356 30.71 -2.35 10.03
N THR A 357 29.76 -1.56 9.54
CA THR A 357 29.49 -1.53 8.12
C THR A 357 30.03 -0.22 7.56
N ARG A 358 31.05 -0.32 6.71
CA ARG A 358 31.55 0.81 5.97
C ARG A 358 30.72 0.96 4.73
N VAL A 359 30.09 2.13 4.56
CA VAL A 359 29.24 2.41 3.40
C VAL A 359 29.80 3.54 2.54
N ASP A 360 30.15 3.19 1.32
CA ASP A 360 30.75 4.13 0.33
C ASP A 360 29.62 4.50 -0.63
N THR A 361 29.26 5.77 -0.67
CA THR A 361 28.18 6.23 -1.55
C THR A 361 28.65 7.04 -2.77
N SER A 362 29.91 6.88 -3.16
CA SER A 362 30.47 7.66 -4.26
C SER A 362 29.99 7.20 -5.65
N ASP A 363 29.55 5.95 -5.76
CA ASP A 363 29.03 5.46 -7.03
C ASP A 363 27.54 5.79 -7.14
N ASN A 364 27.25 7.01 -7.59
CA ASN A 364 25.88 7.48 -7.82
C ASN A 364 24.96 7.35 -6.59
N ASN A 365 25.51 7.62 -5.41
CA ASN A 365 24.77 7.64 -4.16
C ASN A 365 24.22 6.28 -3.72
N THR A 366 24.74 5.19 -4.28
CA THR A 366 24.30 3.88 -3.87
C THR A 366 24.85 3.53 -2.48
N ASN A 367 24.14 2.68 -1.73
CA ASN A 367 24.65 2.25 -0.43
C ASN A 367 25.56 1.02 -0.57
N HIS A 368 26.77 1.26 -1.05
CA HIS A 368 27.77 0.22 -1.25
C HIS A 368 28.30 -0.19 0.10
N GLN A 369 27.83 -1.33 0.60
CA GLN A 369 28.13 -1.76 1.97
C GLN A 369 29.26 -2.79 2.04
N LYS A 370 30.09 -2.66 3.06
CA LYS A 370 31.21 -3.55 3.27
C LYS A 370 31.35 -3.80 4.74
N ILE A 371 31.65 -5.05 5.11
CA ILE A 371 31.96 -5.35 6.49
C ILE A 371 33.38 -4.92 6.77
N ALA A 372 33.55 -4.11 7.81
CA ALA A 372 34.84 -3.51 8.14
C ALA A 372 35.16 -3.77 9.57
N SER A 373 36.41 -3.52 9.95
CA SER A 373 36.85 -3.70 11.32
C SER A 373 37.96 -2.76 11.69
N ALA A 374 37.94 -2.35 12.95
CA ALA A 374 38.98 -1.55 13.50
C ALA A 374 39.15 -1.87 14.97
N THR A 375 40.34 -1.56 15.50
CA THR A 375 40.65 -1.74 16.91
C THR A 375 40.52 -0.39 17.59
N LEU A 376 39.84 -0.32 18.71
CA LEU A 376 39.76 0.91 19.50
C LEU A 376 40.54 0.81 20.81
N TYR A 377 41.42 1.77 21.02
CA TYR A 377 42.19 1.91 22.27
C TYR A 377 41.57 3.01 23.09
N LEU A 378 41.11 2.67 24.28
CA LEU A 378 40.49 3.64 25.17
C LEU A 378 41.38 3.89 26.37
N THR A 379 41.16 5.04 27.01
CA THR A 379 41.79 5.34 28.30
C THR A 379 40.74 5.90 29.26
N ASP A 380 41.00 5.80 30.55
CA ASP A 380 40.03 6.16 31.59
C ASP A 380 40.74 7.06 32.57
N ASN A 381 40.24 8.28 32.71
CA ASN A 381 40.78 9.26 33.64
C ASN A 381 39.65 9.81 34.50
N ASN A 382 39.59 9.36 35.74
CA ASN A 382 38.77 10.01 36.78
C ASN A 382 37.29 10.08 36.41
N GLY A 383 36.73 8.94 36.02
CA GLY A 383 35.32 8.85 35.66
C GLY A 383 35.00 9.16 34.21
N ASN A 384 36.01 9.51 33.41
CA ASN A 384 35.80 9.81 31.99
C ASN A 384 36.53 8.81 31.11
N VAL A 385 35.82 8.29 30.11
CA VAL A 385 36.42 7.39 29.14
C VAL A 385 36.63 8.19 27.88
N SER A 386 37.81 8.05 27.28
CA SER A 386 38.19 8.72 26.04
C SER A 386 38.61 7.72 24.98
N LEU A 387 38.42 8.11 23.73
CA LEU A 387 38.90 7.33 22.61
C LEU A 387 40.32 7.77 22.28
N ALA A 388 41.30 6.95 22.65
CA ALA A 388 42.70 7.31 22.44
C ALA A 388 43.15 7.09 20.99
N GLN A 389 42.75 5.97 20.38
CA GLN A 389 43.13 5.68 18.99
C GLN A 389 42.23 4.64 18.31
N VAL A 390 42.12 4.77 16.99
CA VAL A 390 41.42 3.86 16.12
C VAL A 390 42.46 3.31 15.12
N ALA A 391 42.72 2.02 15.18
CA ALA A 391 43.78 1.40 14.39
C ALA A 391 43.28 0.29 13.53
N ASN A 392 44.04 0.00 12.47
CA ASN A 392 43.84 -1.16 11.64
C ASN A 392 42.50 -1.16 10.94
N ASP A 393 41.98 0.03 10.59
CA ASP A 393 40.66 0.11 9.97
C ASP A 393 40.75 -0.42 8.57
N HIS A 394 40.01 -1.47 8.26
CA HIS A 394 40.07 -2.08 6.91
C HIS A 394 38.81 -2.87 6.58
N ILE A 395 38.63 -3.15 5.29
CA ILE A 395 37.52 -3.95 4.81
C ILE A 395 37.84 -5.40 5.05
N VAL A 396 36.89 -6.14 5.62
CA VAL A 396 37.02 -7.58 5.87
C VAL A 396 36.39 -8.39 4.75
N PHE A 397 35.18 -8.03 4.38
CA PHE A 397 34.43 -8.81 3.42
C PHE A 397 33.32 -7.98 2.81
N GLU A 398 33.08 -8.14 1.51
CA GLU A 398 31.91 -7.50 0.88
C GLU A 398 31.15 -8.42 -0.10
N GLY A 399 31.26 -9.72 0.11
CA GLY A 399 30.62 -10.69 -0.74
C GLY A 399 31.55 -11.36 -1.74
N ASP A 400 31.21 -12.60 -2.09
CA ASP A 400 32.03 -13.40 -2.98
C ASP A 400 31.35 -13.63 -4.32
N GLY A 401 30.02 -13.64 -4.36
CA GLY A 401 29.28 -13.88 -5.59
C GLY A 401 28.59 -15.24 -5.67
N TYR A 402 29.13 -16.24 -4.98
CA TYR A 402 28.54 -17.59 -4.95
C TYR A 402 27.70 -17.67 -3.67
N TYR A 403 28.33 -17.62 -2.50
CA TYR A 403 27.58 -17.68 -1.25
C TYR A 403 26.73 -16.42 -0.99
N TYR A 404 27.31 -15.24 -1.26
CA TYR A 404 26.69 -13.93 -0.93
C TYR A 404 26.79 -12.98 -2.10
N GLN A 405 25.73 -12.22 -2.32
CA GLN A 405 25.66 -11.25 -3.42
C GLN A 405 26.66 -10.11 -3.26
N THR A 406 27.33 -9.77 -4.37
CA THR A 406 28.31 -8.70 -4.38
C THR A 406 27.65 -7.38 -4.83
N TYR A 407 28.35 -6.28 -4.57
CA TYR A 407 27.87 -5.00 -5.03
C TYR A 407 27.77 -4.97 -6.59
N ASP A 408 28.78 -5.50 -7.27
CA ASP A 408 28.74 -5.54 -8.73
C ASP A 408 27.51 -6.34 -9.22
N GLN A 409 27.25 -7.49 -8.61
CA GLN A 409 26.08 -8.28 -9.00
C GLN A 409 24.79 -7.48 -8.87
N TRP A 410 24.63 -6.80 -7.72
CA TRP A 410 23.44 -6.02 -7.45
C TRP A 410 23.29 -4.93 -8.49
N LYS A 411 24.37 -4.21 -8.72
CA LYS A 411 24.37 -3.10 -9.63
C LYS A 411 24.06 -3.56 -11.05
N ALA A 412 24.59 -4.72 -11.44
CA ALA A 412 24.38 -5.26 -12.78
C ALA A 412 22.89 -5.35 -13.17
N THR A 413 22.02 -5.75 -12.22
CA THR A 413 20.61 -5.99 -12.50
C THR A 413 19.60 -5.08 -11.77
N ASN A 414 20.04 -4.20 -10.88
CA ASN A 414 19.07 -3.39 -10.15
C ASN A 414 18.46 -2.28 -11.00
N LYS A 415 17.14 -2.31 -11.10
CA LYS A 415 16.37 -1.19 -11.66
C LYS A 415 15.52 -0.50 -10.57
N GLY A 416 15.71 -0.90 -9.32
CA GLY A 416 15.04 -0.23 -8.19
C GLY A 416 14.25 -1.16 -7.27
N ALA A 417 14.23 -2.45 -7.60
CA ALA A 417 13.46 -3.42 -6.85
C ALA A 417 14.34 -4.39 -6.05
N ASP A 418 15.67 -4.30 -6.15
CA ASP A 418 16.53 -5.21 -5.43
C ASP A 418 17.16 -4.51 -4.27
N ASN A 419 17.13 -5.15 -3.11
CA ASN A 419 17.81 -4.62 -1.95
C ASN A 419 19.30 -4.91 -2.03
N ILE A 420 20.10 -4.09 -1.38
CA ILE A 420 21.52 -4.36 -1.29
C ILE A 420 21.86 -4.42 0.19
N ALA A 421 22.50 -5.51 0.60
CA ALA A 421 22.83 -5.77 1.99
C ALA A 421 24.14 -6.48 2.13
N MET A 422 25.02 -5.90 2.94
CA MET A 422 26.30 -6.49 3.31
C MET A 422 26.76 -5.78 4.58
N ARG A 423 26.21 -6.21 5.72
CA ARG A 423 26.22 -5.38 6.89
C ARG A 423 25.88 -6.11 8.20
N ASP A 424 25.84 -5.35 9.29
CA ASP A 424 25.42 -5.84 10.59
C ASP A 424 26.21 -7.07 11.04
N ALA A 425 27.53 -7.03 10.97
CA ALA A 425 28.35 -8.19 11.30
C ALA A 425 28.46 -8.42 12.77
N HIS A 426 28.11 -9.63 13.20
CA HIS A 426 28.17 -10.00 14.61
C HIS A 426 29.34 -10.95 14.86
N VAL A 427 30.34 -10.51 15.63
CA VAL A 427 31.48 -11.35 15.94
C VAL A 427 31.21 -12.23 17.17
N ILE A 428 31.61 -13.50 17.08
CA ILE A 428 31.49 -14.46 18.20
C ILE A 428 32.54 -15.56 18.04
N GLU A 429 33.09 -16.00 19.17
CA GLU A 429 34.12 -17.04 19.18
C GLU A 429 33.51 -18.32 19.74
N ASP A 430 33.76 -19.46 19.05
CA ASP A 430 33.22 -20.76 19.48
C ASP A 430 34.19 -21.44 20.44
N ASP A 431 33.80 -22.63 20.89
CA ASP A 431 34.60 -23.42 21.83
C ASP A 431 35.90 -23.90 21.21
N ASN A 432 35.98 -23.87 19.89
CA ASN A 432 37.17 -24.31 19.18
C ASN A 432 38.17 -23.19 18.88
N GLY A 433 37.99 -22.03 19.52
CA GLY A 433 38.93 -20.91 19.32
C GLY A 433 38.83 -20.22 17.97
N ASP A 434 37.72 -20.38 17.26
CA ASP A 434 37.53 -19.67 15.99
C ASP A 434 36.64 -18.46 16.21
N ARG A 435 37.06 -17.28 15.75
CA ARG A 435 36.15 -16.12 15.63
C ARG A 435 35.41 -16.20 14.30
N TYR A 436 34.08 -16.06 14.38
CA TYR A 436 33.22 -16.01 13.21
C TYR A 436 32.54 -14.66 13.11
N LEU A 437 32.19 -14.28 11.88
CA LEU A 437 31.18 -13.21 11.68
C LEU A 437 29.88 -13.79 11.18
N VAL A 438 28.80 -13.43 11.87
CA VAL A 438 27.46 -13.73 11.43
C VAL A 438 26.83 -12.41 11.00
N PHE A 439 26.37 -12.34 9.77
CA PHE A 439 26.10 -11.05 9.16
C PHE A 439 24.92 -11.08 8.24
N GLU A 440 24.46 -9.89 7.89
CA GLU A 440 23.37 -9.70 6.95
C GLU A 440 23.84 -9.57 5.52
N ALA A 441 23.23 -10.36 4.63
CA ALA A 441 23.56 -10.30 3.23
C ALA A 441 22.37 -10.77 2.40
N SER A 442 22.61 -10.99 1.10
CA SER A 442 21.65 -11.63 0.20
C SER A 442 22.39 -12.82 -0.42
N THR A 443 21.67 -13.85 -0.85
CA THR A 443 22.34 -15.06 -1.41
C THR A 443 23.03 -14.71 -2.72
N GLY A 444 24.07 -15.47 -3.06
CA GLY A 444 24.72 -15.35 -4.36
C GLY A 444 24.24 -16.45 -5.30
N LEU A 445 25.07 -16.76 -6.29
CA LEU A 445 24.76 -17.76 -7.32
C LEU A 445 24.61 -19.19 -6.82
N GLU A 446 24.99 -19.47 -5.57
CA GLU A 446 24.66 -20.72 -4.95
C GLU A 446 23.15 -21.00 -4.99
N ASN A 447 22.34 -19.96 -4.77
CA ASN A 447 20.87 -20.10 -4.84
C ASN A 447 20.27 -18.72 -4.99
N TYR A 448 20.34 -18.19 -6.21
CA TYR A 448 20.18 -16.76 -6.41
C TYR A 448 18.74 -16.36 -6.53
N GLN A 449 18.47 -15.10 -6.22
CA GLN A 449 17.18 -14.49 -6.52
C GLN A 449 16.85 -14.69 -7.98
N GLY A 450 15.55 -14.76 -8.27
CA GLY A 450 15.09 -14.72 -9.65
C GLY A 450 13.64 -15.18 -9.73
N GLU A 451 13.05 -15.02 -10.90
CA GLU A 451 11.67 -15.47 -11.13
C GLU A 451 11.54 -16.97 -10.93
N ASP A 452 12.60 -17.73 -11.23
CA ASP A 452 12.59 -19.18 -10.97
C ASP A 452 12.30 -19.61 -9.53
N GLN A 453 12.56 -18.71 -8.57
CA GLN A 453 12.34 -19.05 -7.16
C GLN A 453 10.86 -19.22 -6.86
N ILE A 454 10.03 -18.58 -7.65
CA ILE A 454 8.58 -18.71 -7.54
C ILE A 454 8.19 -20.15 -7.89
N TYR A 455 9.04 -20.77 -8.72
CA TYR A 455 8.86 -22.14 -9.22
C TYR A 455 9.76 -23.18 -8.53
N ASN A 456 10.24 -22.86 -7.34
CA ASN A 456 11.00 -23.79 -6.49
C ASN A 456 10.12 -24.15 -5.30
N TRP A 457 9.64 -25.39 -5.30
CA TRP A 457 8.64 -25.86 -4.33
C TRP A 457 9.14 -25.78 -2.89
N LEU A 458 10.44 -25.98 -2.69
CA LEU A 458 11.05 -25.83 -1.37
C LEU A 458 10.75 -24.52 -0.68
N ASN A 459 10.56 -23.43 -1.44
CA ASN A 459 10.42 -22.12 -0.85
C ASN A 459 9.07 -21.92 -0.17
N TYR A 460 8.12 -22.79 -0.47
CA TYR A 460 6.77 -22.62 0.05
C TYR A 460 6.58 -23.16 1.46
N GLY A 461 6.84 -24.45 1.65
CA GLY A 461 6.93 -25.05 3.00
C GLY A 461 5.64 -25.28 3.76
N GLY A 462 4.49 -25.18 3.10
CA GLY A 462 3.22 -25.53 3.75
C GLY A 462 2.76 -26.86 3.13
N ASP A 463 1.50 -27.25 3.38
CA ASP A 463 0.89 -28.38 2.65
C ASP A 463 0.66 -27.98 1.19
N ASP A 464 0.29 -28.98 0.37
CA ASP A 464 -0.04 -28.76 -1.02
C ASP A 464 -1.08 -27.65 -1.24
N ALA A 465 -2.17 -27.64 -0.47
CA ALA A 465 -3.19 -26.61 -0.71
C ALA A 465 -2.65 -25.20 -0.41
N PHE A 466 -1.94 -25.04 0.70
CA PHE A 466 -1.28 -23.78 0.99
C PHE A 466 -0.27 -23.39 -0.12
N ASN A 467 0.55 -24.34 -0.54
CA ASN A 467 1.58 -24.06 -1.54
C ASN A 467 0.98 -23.59 -2.85
N ILE A 468 -0.03 -24.30 -3.34
CA ILE A 468 -0.68 -23.94 -4.60
C ILE A 468 -1.38 -22.59 -4.50
N LYS A 469 -2.12 -22.38 -3.42
CA LYS A 469 -2.83 -21.12 -3.21
C LYS A 469 -1.84 -19.95 -3.18
N SER A 470 -0.70 -20.17 -2.53
CA SER A 470 0.36 -19.18 -2.47
C SER A 470 0.92 -18.88 -3.88
N LEU A 471 1.25 -19.92 -4.64
CA LEU A 471 1.72 -19.76 -6.04
C LEU A 471 0.74 -18.90 -6.83
N PHE A 472 -0.53 -19.27 -6.78
CA PHE A 472 -1.54 -18.55 -7.55
C PHE A 472 -1.65 -17.10 -7.09
N ARG A 473 -1.58 -16.87 -5.77
CA ARG A 473 -1.64 -15.49 -5.26
C ARG A 473 -0.43 -14.69 -5.76
N ILE A 474 0.76 -15.28 -5.65
CA ILE A 474 1.99 -14.66 -6.15
C ILE A 474 1.82 -14.23 -7.61
N LEU A 475 1.32 -15.10 -8.45
CA LEU A 475 1.18 -14.79 -9.84
C LEU A 475 0.12 -13.79 -10.19
N SER A 476 -0.86 -13.62 -9.32
CA SER A 476 -1.96 -12.70 -9.53
C SER A 476 -1.68 -11.25 -9.24
N ASN A 477 -0.52 -10.96 -8.68
CA ASN A 477 -0.19 -9.62 -8.30
C ASN A 477 1.21 -9.29 -8.70
N ASP A 478 1.36 -8.26 -9.49
CA ASP A 478 2.65 -7.85 -9.98
C ASP A 478 3.62 -7.46 -8.89
N ASP A 479 3.14 -6.85 -7.83
CA ASP A 479 4.02 -6.49 -6.75
C ASP A 479 4.56 -7.70 -6.03
N ILE A 480 3.75 -8.54 -5.78
CA ILE A 480 4.14 -9.74 -5.06
C ILE A 480 5.04 -10.56 -5.93
N LYS A 481 4.70 -10.74 -7.17
CA LYS A 481 5.53 -11.44 -8.13
C LYS A 481 6.93 -10.80 -8.16
N SER A 482 7.00 -9.49 -8.30
CA SER A 482 8.25 -8.77 -8.31
C SER A 482 9.05 -9.05 -7.05
N ARG A 483 8.47 -8.80 -5.88
CA ARG A 483 9.12 -9.05 -4.61
C ARG A 483 9.66 -10.46 -4.53
N ALA A 484 8.84 -11.43 -4.87
CA ALA A 484 9.24 -12.84 -4.86
C ALA A 484 10.45 -13.09 -5.79
N THR A 485 10.46 -12.38 -6.92
CA THR A 485 11.54 -12.44 -7.91
C THR A 485 12.87 -11.87 -7.43
N TRP A 486 12.81 -10.92 -6.50
CA TRP A 486 13.98 -10.25 -6.02
C TRP A 486 14.38 -10.67 -4.61
N ALA A 487 13.54 -11.42 -3.93
CA ALA A 487 13.80 -11.77 -2.52
C ALA A 487 14.85 -12.84 -2.35
N ASN A 488 15.89 -12.56 -1.59
CA ASN A 488 16.91 -13.55 -1.26
C ASN A 488 17.80 -13.16 -0.09
N ALA A 489 17.15 -12.69 0.98
CA ALA A 489 17.85 -12.30 2.18
C ALA A 489 18.59 -13.50 2.73
N ALA A 490 19.73 -13.20 3.36
CA ALA A 490 20.58 -14.22 3.92
C ALA A 490 21.20 -13.76 5.23
N ILE A 491 21.25 -14.66 6.18
CA ILE A 491 22.13 -14.51 7.32
C ILE A 491 23.38 -15.34 7.05
N GLY A 492 24.48 -14.67 6.83
CA GLY A 492 25.70 -15.36 6.47
C GLY A 492 26.59 -15.65 7.63
N ILE A 493 27.58 -16.50 7.38
CA ILE A 493 28.59 -16.76 8.33
C ILE A 493 29.92 -16.98 7.58
N LEU A 494 30.97 -16.43 8.17
CA LEU A 494 32.33 -16.71 7.71
C LEU A 494 33.23 -16.83 8.92
N LYS A 495 34.33 -17.55 8.74
CA LYS A 495 35.32 -17.71 9.78
C LYS A 495 36.44 -16.75 9.52
N LEU A 496 36.88 -16.09 10.59
CA LEU A 496 37.95 -15.14 10.50
C LEU A 496 39.27 -15.86 10.72
N ASN A 497 40.35 -15.25 10.25
CA ASN A 497 41.67 -15.77 10.54
C ASN A 497 42.04 -15.55 12.03
N LYS A 498 43.26 -15.86 12.42
CA LYS A 498 43.58 -15.85 13.86
C LYS A 498 44.01 -14.50 14.43
N ASP A 499 44.22 -13.53 13.56
CA ASP A 499 44.70 -12.23 13.99
C ASP A 499 43.55 -11.40 14.61
N GLU A 500 43.51 -11.35 15.94
CA GLU A 500 42.49 -10.60 16.67
C GLU A 500 42.29 -9.17 16.11
N LYS A 501 43.41 -8.48 15.88
CA LYS A 501 43.39 -7.04 15.59
C LYS A 501 43.45 -6.73 14.14
N ASN A 502 43.67 -7.73 13.29
CA ASN A 502 43.63 -7.47 11.85
C ASN A 502 42.90 -8.60 11.11
N PRO A 503 41.59 -8.76 11.44
CA PRO A 503 40.82 -9.87 10.89
C PRO A 503 40.66 -9.89 9.35
N LYS A 504 40.83 -11.07 8.77
CA LYS A 504 40.53 -11.33 7.39
C LYS A 504 39.75 -12.63 7.33
N VAL A 505 39.06 -12.86 6.22
CA VAL A 505 38.28 -14.07 6.01
C VAL A 505 39.19 -15.29 5.86
N ALA A 506 38.90 -16.35 6.62
CA ALA A 506 39.63 -17.62 6.49
C ALA A 506 38.81 -18.60 5.69
N GLU A 507 37.50 -18.67 5.98
CA GLU A 507 36.60 -19.54 5.23
C GLU A 507 35.23 -18.89 5.10
N LEU A 508 34.60 -19.06 3.93
CA LEU A 508 33.21 -18.70 3.73
C LEU A 508 32.36 -19.95 3.80
N TYR A 509 31.15 -19.81 4.34
CA TYR A 509 30.15 -20.87 4.36
C TYR A 509 28.85 -20.41 3.75
N SER A 510 27.99 -21.37 3.44
CA SER A 510 26.64 -21.10 2.97
C SER A 510 25.86 -20.44 4.09
N PRO A 511 24.86 -19.62 3.75
CA PRO A 511 24.13 -18.90 4.78
C PRO A 511 23.55 -19.84 5.80
N LEU A 512 23.52 -19.39 7.05
CA LEU A 512 22.83 -20.12 8.10
C LEU A 512 21.33 -20.14 7.84
N ILE A 513 20.81 -18.99 7.42
CA ILE A 513 19.40 -18.83 7.12
C ILE A 513 19.29 -18.11 5.79
N SER A 514 18.31 -18.45 4.99
CA SER A 514 18.02 -17.67 3.79
C SER A 514 16.51 -17.60 3.53
N ALA A 515 16.10 -16.60 2.77
CA ALA A 515 14.69 -16.40 2.51
C ALA A 515 14.40 -16.16 1.02
N PRO A 516 14.94 -17.01 0.13
CA PRO A 516 14.62 -16.89 -1.30
C PRO A 516 13.12 -16.93 -1.49
N MET A 517 12.59 -16.01 -2.30
CA MET A 517 11.15 -15.88 -2.57
C MET A 517 10.33 -15.16 -1.48
N VAL A 518 10.87 -15.10 -0.28
CA VAL A 518 10.16 -14.68 0.92
C VAL A 518 10.42 -13.28 1.50
N SER A 519 11.68 -12.91 1.61
CA SER A 519 12.04 -11.60 2.09
C SER A 519 13.36 -11.18 1.53
N ASP A 520 13.51 -9.88 1.33
CA ASP A 520 14.76 -9.34 0.85
C ASP A 520 15.51 -8.51 1.89
N GLU A 521 15.07 -8.61 3.15
CA GLU A 521 15.70 -7.93 4.24
C GLU A 521 15.50 -8.50 5.64
N ILE A 522 16.54 -9.11 6.18
CA ILE A 522 16.57 -9.63 7.56
C ILE A 522 17.83 -9.03 8.18
N GLU A 523 17.63 -8.23 9.22
CA GLU A 523 18.76 -7.53 9.81
C GLU A 523 19.19 -7.90 11.22
N ARG A 524 20.20 -7.16 11.65
CA ARG A 524 20.83 -7.27 12.92
C ARG A 524 20.98 -8.68 13.47
N PRO A 525 21.56 -9.58 12.69
CA PRO A 525 21.74 -10.95 13.15
C PRO A 525 22.54 -11.00 14.43
N ASN A 526 22.19 -11.90 15.31
CA ASN A 526 22.80 -11.96 16.59
C ASN A 526 22.85 -13.38 17.12
N VAL A 527 23.98 -13.80 17.60
CA VAL A 527 24.12 -15.15 18.14
C VAL A 527 24.33 -15.05 19.65
N VAL A 528 23.53 -15.76 20.43
CA VAL A 528 23.79 -15.92 21.84
C VAL A 528 23.94 -17.42 22.21
N LYS A 529 25.03 -17.73 22.90
CA LYS A 529 25.30 -19.05 23.40
C LYS A 529 24.62 -19.22 24.76
N LEU A 530 23.79 -20.25 24.89
CA LEU A 530 23.17 -20.61 26.18
C LEU A 530 23.33 -22.12 26.36
N GLY A 531 24.00 -22.51 27.44
CA GLY A 531 24.36 -23.90 27.63
C GLY A 531 25.21 -24.37 26.48
N ASN A 532 24.84 -25.51 25.91
CA ASN A 532 25.57 -26.05 24.77
C ASN A 532 24.85 -25.74 23.45
N LYS A 533 24.03 -24.68 23.42
CA LYS A 533 23.30 -24.33 22.22
C LYS A 533 23.62 -22.91 21.72
N TYR A 534 23.39 -22.70 20.42
CA TYR A 534 23.63 -21.42 19.77
C TYR A 534 22.32 -20.88 19.19
N TYR A 535 21.89 -19.75 19.74
CA TYR A 535 20.65 -19.14 19.33
C TYR A 535 20.94 -17.97 18.41
N LEU A 536 20.41 -18.08 17.20
CA LEU A 536 20.54 -17.02 16.21
C LEU A 536 19.25 -16.20 16.17
N PHE A 537 19.32 -14.92 16.51
CA PHE A 537 18.17 -13.99 16.40
C PHE A 537 18.42 -12.93 15.32
N ALA A 538 17.35 -12.32 14.83
CA ALA A 538 17.45 -11.22 13.87
C ALA A 538 16.18 -10.39 13.93
N ALA A 539 16.29 -9.12 13.56
CA ALA A 539 15.18 -8.23 13.45
C ALA A 539 14.76 -8.16 11.98
N THR A 540 13.48 -8.00 11.73
CA THR A 540 13.02 -7.81 10.34
C THR A 540 11.75 -6.98 10.34
N ARG A 541 11.57 -6.28 9.30
CA ARG A 541 10.33 -5.56 9.11
C ARG A 541 9.54 -6.44 8.12
N LEU A 542 8.44 -6.95 8.40
CA LEU A 542 7.69 -7.87 7.51
C LEU A 542 7.26 -7.18 6.20
N ASN A 543 7.17 -5.85 6.18
CA ASN A 543 6.89 -5.15 4.91
C ASN A 543 8.04 -5.22 3.88
N ARG A 544 9.15 -5.89 4.22
CA ARG A 544 10.17 -6.18 3.21
C ARG A 544 10.02 -7.60 2.65
N GLY A 545 8.99 -8.32 3.06
CA GLY A 545 8.70 -9.64 2.52
C GLY A 545 7.81 -9.54 1.28
N SER A 546 7.70 -10.66 0.56
CA SER A 546 6.96 -10.74 -0.68
C SER A 546 5.47 -10.85 -0.44
N ASN A 547 5.06 -11.48 0.66
CA ASN A 547 3.63 -11.69 0.92
C ASN A 547 2.92 -10.40 1.37
N ASP A 548 2.55 -9.55 0.41
CA ASP A 548 1.95 -8.22 0.71
C ASP A 548 0.67 -8.36 1.57
N ASP A 549 -0.09 -9.42 1.40
CA ASP A 549 -1.28 -9.60 2.18
C ASP A 549 -0.93 -9.74 3.66
N ALA A 550 0.11 -10.51 3.94
CA ALA A 550 0.50 -10.80 5.32
C ALA A 550 0.94 -9.55 6.06
N TRP A 551 1.83 -8.77 5.44
CA TRP A 551 2.30 -7.59 6.13
C TRP A 551 1.31 -6.44 6.14
N MET A 552 0.46 -6.32 5.12
CA MET A 552 -0.60 -5.32 5.15
C MET A 552 -1.63 -5.67 6.23
N ASN A 553 -1.93 -6.96 6.41
CA ASN A 553 -2.79 -7.36 7.51
C ASN A 553 -2.15 -7.09 8.88
N ALA A 554 -0.84 -7.26 8.99
CA ALA A 554 -0.13 -6.87 10.20
C ALA A 554 -0.34 -5.37 10.49
N ASN A 555 -0.08 -4.55 9.50
CA ASN A 555 -0.27 -3.11 9.61
C ASN A 555 -1.69 -2.75 9.99
N TYR A 556 -2.67 -3.40 9.34
CA TYR A 556 -4.07 -3.14 9.63
C TYR A 556 -4.39 -3.51 11.08
N ALA A 557 -3.88 -4.63 11.55
CA ALA A 557 -4.22 -5.14 12.90
C ALA A 557 -3.53 -4.39 14.06
N VAL A 558 -2.26 -4.06 13.85
CA VAL A 558 -1.41 -3.52 14.92
C VAL A 558 -0.89 -2.12 14.62
N GLY A 559 -0.75 -1.79 13.34
CA GLY A 559 -0.14 -0.53 12.91
C GLY A 559 1.37 -0.59 12.70
N ASP A 560 1.93 -1.79 12.75
CA ASP A 560 3.34 -2.00 12.46
C ASP A 560 3.52 -3.45 12.04
N ASN A 561 4.71 -3.78 11.53
CA ASN A 561 4.95 -5.10 10.97
C ASN A 561 6.33 -5.65 11.36
N VAL A 562 6.94 -5.10 12.41
CA VAL A 562 8.28 -5.51 12.81
C VAL A 562 8.23 -6.76 13.70
N ALA A 563 9.28 -7.55 13.66
CA ALA A 563 9.41 -8.73 14.50
C ALA A 563 10.88 -9.04 14.80
N MET A 564 11.08 -9.89 15.81
CA MET A 564 12.35 -10.56 15.97
C MET A 564 12.11 -12.04 15.71
N VAL A 565 12.96 -12.63 14.87
CA VAL A 565 12.93 -14.06 14.57
C VAL A 565 14.11 -14.79 15.23
N GLY A 566 14.03 -16.11 15.30
CA GLY A 566 15.01 -16.87 16.05
C GLY A 566 15.12 -18.31 15.65
N TYR A 567 16.36 -18.82 15.75
CA TYR A 567 16.70 -20.19 15.42
C TYR A 567 17.69 -20.71 16.44
N VAL A 568 17.86 -22.03 16.50
CA VAL A 568 18.82 -22.63 17.44
C VAL A 568 19.57 -23.78 16.79
N ALA A 569 20.85 -23.89 17.13
CA ALA A 569 21.69 -24.94 16.60
C ALA A 569 22.52 -25.56 17.71
N ASP A 570 23.01 -26.77 17.45
CA ASP A 570 23.90 -27.46 18.40
C ASP A 570 25.39 -27.08 18.20
N SER A 571 25.71 -26.40 17.11
CA SER A 571 27.02 -25.79 16.97
C SER A 571 26.92 -24.47 16.17
N LEU A 572 27.96 -23.65 16.28
CA LEU A 572 27.94 -22.31 15.70
C LEU A 572 27.65 -22.32 14.21
N THR A 573 28.22 -23.31 13.50
CA THR A 573 28.01 -23.46 12.06
C THR A 573 26.97 -24.53 11.69
N GLY A 574 26.44 -25.22 12.69
CA GLY A 574 25.57 -26.40 12.47
C GLY A 574 24.22 -25.95 11.95
N SER A 575 23.30 -26.90 11.82
CA SER A 575 21.99 -26.61 11.25
C SER A 575 21.09 -25.86 12.21
N TYR A 576 20.60 -24.68 11.83
CA TYR A 576 19.72 -23.90 12.71
C TYR A 576 18.24 -24.29 12.49
N LYS A 577 17.53 -24.49 13.59
CA LYS A 577 16.12 -24.89 13.55
C LYS A 577 15.34 -23.74 14.15
N PRO A 578 14.21 -23.39 13.53
CA PRO A 578 13.42 -22.25 14.00
C PRO A 578 12.85 -22.43 15.41
N LEU A 579 12.80 -21.32 16.13
CA LEU A 579 12.15 -21.32 17.42
C LEU A 579 10.65 -21.14 17.21
N ASN A 580 9.84 -21.62 18.15
CA ASN A 580 8.37 -21.46 18.09
C ASN A 580 7.75 -21.81 16.74
N ASP A 581 8.16 -22.97 16.21
CA ASP A 581 7.70 -23.50 14.92
C ASP A 581 8.17 -22.69 13.68
N SER A 582 7.76 -21.43 13.57
CA SER A 582 7.91 -20.62 12.36
C SER A 582 9.16 -19.76 12.37
N GLY A 583 9.72 -19.59 13.57
CA GLY A 583 10.84 -18.72 13.78
C GLY A 583 10.43 -17.45 14.47
N VAL A 584 9.13 -17.22 14.65
CA VAL A 584 8.70 -16.03 15.37
C VAL A 584 9.26 -16.05 16.79
N VAL A 585 9.68 -14.90 17.27
CA VAL A 585 10.11 -14.74 18.64
C VAL A 585 9.44 -13.52 19.26
N LEU A 586 9.63 -12.34 18.68
CA LEU A 586 8.89 -11.16 19.11
C LEU A 586 8.04 -10.56 18.01
N THR A 587 6.88 -10.02 18.39
CA THR A 587 6.01 -9.31 17.45
C THR A 587 5.64 -7.90 17.93
N ALA A 588 5.56 -6.99 16.96
CA ALA A 588 5.15 -5.62 17.18
C ALA A 588 3.81 -5.59 17.89
N SER A 589 3.65 -4.64 18.80
CA SER A 589 2.44 -4.52 19.59
C SER A 589 1.82 -3.14 19.53
N VAL A 590 2.52 -2.12 19.02
CA VAL A 590 1.92 -0.81 18.90
C VAL A 590 2.21 -0.27 17.53
N PRO A 591 1.40 0.71 17.08
CA PRO A 591 1.65 1.34 15.78
C PRO A 591 3.01 1.99 15.61
N ALA A 592 3.51 1.97 14.38
CA ALA A 592 4.89 2.37 14.10
C ALA A 592 5.17 3.83 14.39
N ASN A 593 4.15 4.67 14.35
CA ASN A 593 4.36 6.09 14.53
C ASN A 593 4.01 6.57 15.92
N TRP A 594 3.91 5.64 16.88
CA TRP A 594 3.80 6.00 18.29
C TRP A 594 5.16 6.20 18.91
N ARG A 595 5.13 6.95 20.01
CA ARG A 595 6.32 7.18 20.80
C ARG A 595 6.96 5.85 21.23
N THR A 596 6.14 4.89 21.63
CA THR A 596 6.64 3.64 22.17
C THR A 596 6.86 2.54 21.14
N ALA A 597 6.84 2.87 19.86
CA ALA A 597 7.18 1.89 18.84
C ALA A 597 8.65 1.54 18.98
N THR A 598 8.98 0.28 18.69
CA THR A 598 10.36 -0.16 18.76
C THR A 598 10.84 -0.85 17.46
N TYR A 599 12.14 -0.88 17.28
CA TYR A 599 12.75 -1.76 16.29
C TYR A 599 14.19 -2.10 16.70
N SER A 600 14.80 -3.00 15.95
CA SER A 600 16.20 -3.34 16.07
C SER A 600 16.50 -4.09 17.33
N TYR A 601 15.63 -5.06 17.63
CA TYR A 601 15.73 -5.91 18.81
C TYR A 601 17.07 -6.59 18.84
N TYR A 602 17.80 -6.45 19.94
CA TYR A 602 19.13 -7.07 20.10
C TYR A 602 19.25 -7.70 21.49
N ALA A 603 19.23 -9.03 21.53
CA ALA A 603 19.30 -9.81 22.76
C ALA A 603 20.72 -9.97 23.32
N VAL A 604 20.87 -9.71 24.62
CA VAL A 604 22.12 -9.85 25.34
C VAL A 604 21.94 -10.92 26.41
N PRO A 605 22.94 -11.81 26.59
CA PRO A 605 22.82 -12.79 27.70
C PRO A 605 22.83 -12.12 29.07
N VAL A 606 22.46 -12.89 30.07
CA VAL A 606 22.24 -12.39 31.41
C VAL A 606 23.18 -13.18 32.32
N ALA A 607 23.91 -12.46 33.16
CA ALA A 607 24.90 -13.09 34.04
C ALA A 607 24.24 -14.11 34.97
N GLY A 608 24.72 -15.35 34.92
CA GLY A 608 24.25 -16.41 35.82
C GLY A 608 22.85 -16.91 35.55
N LYS A 609 22.36 -16.66 34.35
CA LYS A 609 21.09 -17.20 33.88
C LYS A 609 21.37 -17.88 32.54
N ASP A 610 20.97 -19.14 32.40
CA ASP A 610 21.21 -19.89 31.17
C ASP A 610 19.94 -20.07 30.34
N ASP A 611 18.84 -19.44 30.79
CA ASP A 611 17.54 -19.60 30.16
C ASP A 611 16.87 -18.27 29.93
N GLN A 612 17.63 -17.19 29.91
CA GLN A 612 17.08 -15.85 29.67
C GLN A 612 18.06 -14.99 28.90
N VAL A 613 17.49 -14.08 28.11
CA VAL A 613 18.23 -12.99 27.52
C VAL A 613 17.45 -11.70 27.73
N LEU A 614 18.17 -10.59 27.77
CA LEU A 614 17.60 -9.27 27.89
C LEU A 614 17.47 -8.68 26.49
N VAL A 615 16.25 -8.32 26.10
CA VAL A 615 16.02 -7.72 24.78
C VAL A 615 16.15 -6.20 24.84
N THR A 616 17.14 -5.67 24.14
CA THR A 616 17.31 -4.23 23.98
C THR A 616 16.74 -3.81 22.63
N SER A 617 16.40 -2.54 22.49
CA SER A 617 15.86 -2.02 21.23
C SER A 617 15.97 -0.52 21.22
N TYR A 618 15.83 0.09 20.04
CA TYR A 618 15.57 1.51 19.98
C TYR A 618 14.09 1.77 19.92
N MET A 619 13.72 2.95 20.40
CA MET A 619 12.36 3.33 20.60
C MET A 619 12.09 4.64 19.93
N THR A 620 10.88 4.72 19.34
CA THR A 620 10.48 5.84 18.48
C THR A 620 11.20 5.78 17.14
N ASN A 621 10.43 5.72 16.07
CA ASN A 621 11.03 5.61 14.77
C ASN A 621 11.58 6.94 14.40
N ARG A 622 12.57 6.88 13.50
CA ARG A 622 13.40 8.02 13.17
C ARG A 622 12.67 9.13 12.45
N ASN A 623 13.36 10.27 12.38
CA ASN A 623 13.04 11.39 11.49
C ASN A 623 11.76 12.13 11.88
N GLY A 624 11.47 12.17 13.17
CA GLY A 624 10.37 12.95 13.71
C GLY A 624 8.97 12.39 13.47
N VAL A 625 8.86 11.12 13.06
CA VAL A 625 7.56 10.58 12.63
C VAL A 625 6.53 10.53 13.74
N ALA A 626 6.97 10.50 15.01
CA ALA A 626 6.04 10.38 16.15
C ALA A 626 5.64 11.75 16.70
N GLY A 627 6.35 12.79 16.29
CA GLY A 627 5.97 14.13 16.63
C GLY A 627 7.13 15.02 17.00
N LYS A 628 6.75 16.27 17.26
CA LYS A 628 7.63 17.37 17.59
C LYS A 628 8.47 17.00 18.81
N GLY A 629 9.78 17.19 18.69
CA GLY A 629 10.70 16.95 19.81
C GLY A 629 10.89 15.50 20.21
N MET A 630 10.35 14.56 19.45
CA MET A 630 10.42 13.14 19.81
C MET A 630 11.49 12.39 19.00
N ASP A 631 12.66 12.21 19.59
CA ASP A 631 13.81 11.60 18.92
C ASP A 631 13.85 10.11 19.15
N SER A 632 14.48 9.39 18.24
CA SER A 632 14.72 7.97 18.48
C SER A 632 15.61 7.92 19.70
N THR A 633 15.28 6.99 20.58
CA THR A 633 15.93 6.87 21.85
C THR A 633 16.11 5.38 22.22
N TRP A 634 16.68 5.11 23.38
CA TRP A 634 16.80 3.74 23.84
C TRP A 634 15.54 3.29 24.55
N ALA A 635 15.04 2.12 24.17
CA ALA A 635 13.88 1.54 24.78
C ALA A 635 14.22 1.01 26.18
N PRO A 636 13.21 0.89 27.03
CA PRO A 636 13.40 0.00 28.15
C PRO A 636 13.63 -1.41 27.61
N SER A 637 14.45 -2.21 28.31
CA SER A 637 14.71 -3.58 27.90
C SER A 637 13.84 -4.53 28.69
N PHE A 638 13.67 -5.74 28.20
CA PHE A 638 12.80 -6.70 28.86
C PHE A 638 13.34 -8.08 28.69
N LEU A 639 13.06 -8.94 29.67
CA LEU A 639 13.49 -10.34 29.59
C LEU A 639 12.63 -11.20 28.67
N LEU A 640 13.34 -12.06 27.98
CA LEU A 640 12.79 -13.08 27.14
C LEU A 640 13.33 -14.37 27.72
N GLN A 641 12.44 -15.29 28.04
CA GLN A 641 12.82 -16.59 28.52
C GLN A 641 13.07 -17.50 27.34
N ILE A 642 14.18 -18.21 27.38
CA ILE A 642 14.51 -19.21 26.39
C ILE A 642 14.24 -20.59 26.96
N ASN A 643 13.28 -21.30 26.38
CA ASN A 643 12.88 -22.60 26.89
C ASN A 643 13.65 -23.74 26.24
N PRO A 644 13.82 -24.85 26.97
CA PRO A 644 14.57 -26.01 26.49
C PRO A 644 13.96 -26.69 25.28
N ASP A 645 12.64 -26.54 25.06
CA ASP A 645 11.96 -27.19 23.94
C ASP A 645 11.94 -26.27 22.69
N ASN A 646 12.94 -25.42 22.57
CA ASN A 646 13.05 -24.55 21.42
C ASN A 646 11.85 -23.64 21.18
N THR A 647 11.37 -23.11 22.28
CA THR A 647 10.41 -22.05 22.28
C THR A 647 10.96 -20.94 23.13
N THR A 648 10.25 -19.82 23.13
CA THR A 648 10.55 -18.68 23.99
C THR A 648 9.27 -18.12 24.57
N THR A 649 9.41 -17.34 25.62
CA THR A 649 8.28 -16.70 26.28
C THR A 649 8.72 -15.33 26.75
N VAL A 650 8.00 -14.28 26.37
CA VAL A 650 8.32 -12.93 26.85
C VAL A 650 7.89 -12.89 28.30
N LEU A 651 8.69 -12.23 29.14
CA LEU A 651 8.41 -12.14 30.56
C LEU A 651 8.02 -10.72 30.87
N ALA A 652 7.21 -10.54 31.90
CA ALA A 652 6.81 -9.20 32.35
C ALA A 652 7.88 -8.62 33.27
N LYS A 653 9.13 -8.59 32.81
CA LYS A 653 10.25 -8.09 33.58
C LYS A 653 10.88 -7.05 32.70
N MET A 654 10.88 -5.82 33.16
CA MET A 654 11.34 -4.71 32.34
C MET A 654 12.33 -3.90 33.13
N THR A 655 13.18 -3.16 32.46
CA THR A 655 14.20 -2.31 33.08
C THR A 655 13.88 -0.85 32.80
N ASN A 656 14.77 0.04 33.22
CA ASN A 656 14.71 1.41 32.75
C ASN A 656 15.15 1.45 31.30
N GLN A 657 14.94 2.61 30.65
CA GLN A 657 15.43 2.86 29.30
C GLN A 657 16.93 2.63 29.26
N GLY A 658 17.38 1.93 28.22
CA GLY A 658 18.79 1.81 27.94
C GLY A 658 19.58 0.96 28.90
N ASP A 659 18.94 0.00 29.56
CA ASP A 659 19.67 -0.93 30.43
C ASP A 659 20.15 -2.16 29.66
N TRP A 660 21.47 -2.35 29.62
CA TRP A 660 22.09 -3.44 28.87
C TRP A 660 22.44 -4.65 29.71
N ILE A 661 22.28 -4.52 31.03
CA ILE A 661 22.74 -5.52 31.96
C ILE A 661 21.64 -5.96 32.89
N TRP A 662 21.10 -7.15 32.71
CA TRP A 662 20.06 -7.57 33.65
C TRP A 662 20.71 -8.07 34.94
N ASP A 663 20.19 -7.61 36.06
CA ASP A 663 20.46 -8.24 37.36
C ASP A 663 19.30 -7.92 38.30
N ASP A 664 19.41 -8.35 39.57
CA ASP A 664 18.39 -8.12 40.58
C ASP A 664 18.14 -6.65 40.92
N SER A 665 19.07 -5.77 40.58
CA SER A 665 18.90 -4.33 40.80
C SER A 665 18.10 -3.65 39.70
N SER A 666 17.90 -4.36 38.58
CA SER A 666 17.53 -3.70 37.31
C SER A 666 16.03 -3.62 37.03
N GLU A 667 15.24 -4.47 37.68
CA GLU A 667 13.80 -4.46 37.43
C GLU A 667 13.21 -3.10 37.78
N ASN A 668 12.41 -2.55 36.87
CA ASN A 668 11.56 -1.42 37.17
C ASN A 668 10.18 -1.68 36.60
N LEU A 669 9.36 -2.35 37.39
CA LEU A 669 7.97 -2.68 37.02
C LEU A 669 7.10 -1.48 36.68
N ASP A 670 7.43 -0.29 37.19
CA ASP A 670 6.72 0.93 36.84
C ASP A 670 6.71 1.23 35.33
N MET A 671 7.72 0.75 34.60
CA MET A 671 7.86 1.08 33.17
C MET A 671 6.89 0.33 32.30
N ILE A 672 6.35 -0.77 32.80
CA ILE A 672 5.47 -1.63 32.01
C ILE A 672 4.14 -0.91 31.85
N GLY A 673 3.71 -0.77 30.59
CA GLY A 673 2.43 -0.13 30.25
C GLY A 673 1.32 -1.15 29.97
N ASP A 674 0.18 -0.67 29.52
CA ASP A 674 -0.87 -1.49 28.93
C ASP A 674 -1.31 -0.86 27.62
N LEU A 675 -2.25 -1.49 26.91
CA LEU A 675 -2.66 -1.02 25.59
C LEU A 675 -3.01 0.48 25.65
N ASP A 676 -3.53 0.91 26.77
CA ASP A 676 -3.84 2.33 26.99
C ASP A 676 -2.64 3.23 27.30
N SER A 677 -1.89 2.92 28.37
CA SER A 677 -0.73 3.71 28.78
C SER A 677 0.43 3.67 27.79
N ALA A 678 0.43 2.69 26.89
CA ALA A 678 1.41 2.62 25.79
C ALA A 678 1.32 3.80 24.84
N ALA A 679 0.21 4.54 24.89
CA ALA A 679 -0.07 5.62 23.97
C ALA A 679 -0.12 6.94 24.71
N LEU A 680 0.49 7.96 24.12
CA LEU A 680 0.32 9.34 24.55
C LEU A 680 -1.08 9.80 24.14
N PRO A 681 -1.55 10.94 24.70
CA PRO A 681 -2.89 11.39 24.32
C PRO A 681 -2.97 11.65 22.82
N GLY A 682 -3.96 11.04 22.18
CA GLY A 682 -4.27 11.29 20.77
C GLY A 682 -3.61 10.33 19.78
N GLU A 683 -2.67 9.51 20.27
CA GLU A 683 -1.95 8.60 19.40
C GLU A 683 -2.89 7.51 18.88
N ARG A 684 -3.84 7.04 19.66
CA ARG A 684 -4.79 6.04 19.16
C ARG A 684 -5.55 6.49 17.90
N ASP A 685 -5.83 7.79 17.82
CA ASP A 685 -6.63 8.38 16.74
C ASP A 685 -5.75 9.16 15.75
N LYS A 686 -4.43 9.00 15.86
CA LYS A 686 -3.48 9.78 15.07
C LYS A 686 -3.47 9.27 13.63
N PRO A 687 -3.16 10.15 12.67
CA PRO A 687 -3.03 9.65 11.29
C PRO A 687 -1.81 8.78 11.10
N VAL A 688 -1.97 7.72 10.32
CA VAL A 688 -0.93 6.74 10.04
C VAL A 688 0.16 7.39 9.18
N ASP A 689 1.43 7.05 9.44
CA ASP A 689 2.54 7.44 8.55
C ASP A 689 2.70 6.29 7.54
N TRP A 690 2.16 6.48 6.33
CA TRP A 690 2.13 5.42 5.33
C TRP A 690 3.48 5.06 4.75
N ASP A 691 4.35 6.04 4.57
CA ASP A 691 5.69 5.78 4.09
C ASP A 691 6.38 4.86 5.05
N LEU A 692 6.20 5.09 6.33
CA LEU A 692 6.88 4.30 7.31
C LEU A 692 6.49 2.83 7.30
N ILE A 693 5.21 2.53 7.37
CA ILE A 693 4.77 1.13 7.43
C ILE A 693 4.56 0.42 6.09
N GLY A 694 4.61 1.16 5.00
CA GLY A 694 4.45 0.56 3.70
C GLY A 694 3.01 0.39 3.24
N LEU B 179 15.17 29.58 2.69
CA LEU B 179 13.76 29.96 2.36
C LEU B 179 13.68 31.35 1.80
N ASN B 180 13.05 31.48 0.63
CA ASN B 180 12.69 32.80 0.13
C ASN B 180 11.58 33.37 1.01
N LYS B 181 11.25 34.64 0.80
CA LYS B 181 10.32 35.36 1.67
C LYS B 181 8.88 34.83 1.56
N ASP B 182 8.47 34.41 0.35
CA ASP B 182 7.13 33.80 0.14
C ASP B 182 7.01 32.51 0.95
N ALA B 183 8.00 31.65 0.75
CA ALA B 183 8.09 30.39 1.47
C ALA B 183 8.14 30.65 2.98
N GLU B 184 8.92 31.66 3.37
CA GLU B 184 9.01 32.05 4.78
C GLU B 184 7.66 32.54 5.33
N ASN B 185 6.87 33.29 4.53
CA ASN B 185 5.52 33.76 4.95
C ASN B 185 4.55 32.62 5.23
N VAL B 187 5.28 29.45 5.81
CA VAL B 187 5.81 28.60 6.90
C VAL B 187 5.42 29.19 8.27
N LYS B 188 5.46 30.50 8.39
CA LYS B 188 5.13 31.19 9.65
C LYS B 188 3.61 31.17 9.93
N LYS B 189 2.82 31.43 8.89
CA LYS B 189 1.36 31.29 8.96
C LYS B 189 0.90 29.87 9.31
N ALA B 190 1.68 28.87 8.88
CA ALA B 190 1.44 27.48 9.26
C ALA B 190 1.87 27.18 10.71
N GLY B 191 2.61 28.10 11.33
CA GLY B 191 3.13 27.89 12.67
C GLY B 191 4.36 27.02 12.74
N ILE B 192 4.83 26.48 11.61
CA ILE B 192 5.98 25.56 11.60
C ILE B 192 7.27 26.34 11.85
N ASP B 193 8.23 25.72 12.53
CA ASP B 193 9.51 26.37 12.82
C ASP B 193 10.47 26.17 11.65
N PRO B 194 10.97 27.28 11.07
CA PRO B 194 11.89 27.15 9.93
C PRO B 194 13.13 26.26 10.13
N ASN B 195 13.63 26.15 11.37
CA ASN B 195 14.84 25.37 11.64
C ASN B 195 14.63 23.86 11.55
N SER B 196 13.38 23.42 11.70
CA SER B 196 13.05 22.00 11.59
C SER B 196 12.94 21.53 10.13
N LEU B 197 13.04 22.44 9.16
CA LEU B 197 12.91 22.07 7.75
C LEU B 197 14.21 21.56 7.15
N THR B 198 14.15 20.47 6.40
CA THR B 198 15.31 19.93 5.69
C THR B 198 15.71 20.85 4.54
N ASP B 199 16.93 20.70 4.05
CA ASP B 199 17.36 21.41 2.85
C ASP B 199 16.45 21.09 1.65
N ASP B 200 16.14 19.81 1.48
CA ASP B 200 15.23 19.37 0.41
C ASP B 200 13.85 20.01 0.54
N GLN B 201 13.35 20.15 1.77
CA GLN B 201 12.06 20.80 2.02
C GLN B 201 12.08 22.29 1.68
N ILE B 202 13.11 22.98 2.17
CA ILE B 202 13.30 24.39 1.87
C ILE B 202 13.35 24.63 0.36
N LYS B 203 14.19 23.89 -0.35
CA LYS B 203 14.35 24.11 -1.79
C LYS B 203 13.07 23.72 -2.57
N ALA B 204 12.25 22.82 -2.02
CA ALA B 204 10.91 22.56 -2.59
C ALA B 204 10.02 23.78 -2.49
N LEU B 205 9.91 24.36 -1.29
CA LEU B 205 9.07 25.55 -1.06
C LEU B 205 9.51 26.75 -1.91
N ASN B 206 10.82 26.86 -2.17
CA ASN B 206 11.34 27.92 -3.03
C ASN B 206 10.99 27.73 -4.52
N LYS B 207 10.68 26.49 -4.91
CA LYS B 207 10.17 26.18 -6.25
C LYS B 207 8.67 26.45 -6.40
N MET B 208 7.95 26.52 -5.28
CA MET B 208 6.50 26.71 -5.35
C MET B 208 6.15 28.00 -6.13
N ASN B 209 5.10 27.93 -6.94
CA ASN B 209 4.58 29.10 -7.66
C ASN B 209 3.52 29.87 -6.86
N PHE B 210 3.83 31.11 -6.48
CA PHE B 210 2.97 31.97 -5.64
C PHE B 210 2.83 31.39 -4.24
N THR B 218 -12.79 25.42 -13.42
CA THR B 218 -12.89 24.72 -12.14
C THR B 218 -11.96 23.52 -12.08
N GLN B 219 -11.32 23.35 -10.94
CA GLN B 219 -10.46 22.21 -10.67
C GLN B 219 -10.94 21.55 -9.42
N MET B 220 -10.79 20.23 -9.35
CA MET B 220 -10.77 19.57 -8.07
C MET B 220 -9.33 19.75 -7.60
N THR B 221 -9.14 20.55 -6.56
CA THR B 221 -7.81 20.81 -5.99
C THR B 221 -7.42 19.74 -4.99
N TYR B 222 -6.18 19.81 -4.52
CA TYR B 222 -5.63 18.85 -3.57
C TYR B 222 -6.38 18.99 -2.26
N ASN B 223 -6.74 20.23 -1.90
CA ASN B 223 -7.57 20.48 -0.73
C ASN B 223 -8.98 19.89 -0.90
N ASP B 224 -9.57 20.05 -2.08
CA ASP B 224 -10.91 19.47 -2.34
C ASP B 224 -10.87 17.96 -2.14
N PHE B 225 -9.87 17.32 -2.74
CA PHE B 225 -9.70 15.86 -2.66
C PHE B 225 -9.56 15.41 -1.21
N GLN B 226 -8.70 16.09 -0.45
CA GLN B 226 -8.51 15.78 0.98
C GLN B 226 -9.79 15.89 1.76
N LYS B 227 -10.57 16.95 1.51
CA LYS B 227 -11.84 17.14 2.22
C LYS B 227 -12.86 16.09 1.85
N ILE B 228 -12.91 15.70 0.57
CA ILE B 228 -13.79 14.60 0.15
C ILE B 228 -13.47 13.33 0.95
N ALA B 229 -12.18 12.98 1.01
CA ALA B 229 -11.76 11.77 1.74
C ALA B 229 -12.05 11.89 3.23
N ASP B 230 -11.77 13.07 3.79
CA ASP B 230 -12.06 13.34 5.21
C ASP B 230 -13.54 13.15 5.53
N THR B 231 -14.39 13.69 4.66
CA THR B 231 -15.83 13.52 4.81
C THR B 231 -16.22 12.05 4.74
N LEU B 232 -15.67 11.34 3.78
CA LEU B 232 -15.91 9.89 3.69
C LEU B 232 -15.53 9.19 4.99
N ILE B 233 -14.36 9.52 5.52
CA ILE B 233 -13.88 8.92 6.79
C ILE B 233 -14.85 9.19 7.96
N LYS B 234 -15.41 10.40 8.00
CA LYS B 234 -16.40 10.77 9.03
C LYS B 234 -17.74 10.03 8.96
N GLN B 235 -18.11 9.54 7.78
CA GLN B 235 -19.35 8.77 7.63
C GLN B 235 -20.54 9.60 8.09
N ASP B 236 -20.55 10.82 7.60
CA ASP B 236 -21.60 11.77 7.85
C ASP B 236 -22.86 11.38 7.07
N GLY B 237 -23.96 11.17 7.79
CA GLY B 237 -25.22 10.73 7.22
C GLY B 237 -25.78 11.61 6.12
N ARG B 238 -25.33 12.85 6.03
CA ARG B 238 -25.73 13.70 4.93
C ARG B 238 -25.21 13.20 3.56
N TYR B 239 -24.06 12.51 3.55
CA TYR B 239 -23.41 12.09 2.31
C TYR B 239 -23.22 10.59 2.16
N THR B 240 -23.34 9.83 3.24
CA THR B 240 -23.08 8.40 3.15
C THR B 240 -24.11 7.70 2.29
N VAL B 241 -23.61 6.82 1.42
CA VAL B 241 -24.45 5.91 0.70
C VAL B 241 -25.22 5.13 1.76
N PRO B 242 -26.55 5.05 1.61
CA PRO B 242 -27.38 4.34 2.61
C PRO B 242 -26.97 2.90 2.80
N PHE B 243 -27.26 2.35 3.97
CA PHE B 243 -27.06 0.92 4.19
C PHE B 243 -28.18 0.19 3.51
N PHE B 244 -27.80 -0.85 2.79
CA PHE B 244 -28.74 -1.71 2.11
C PHE B 244 -28.84 -2.98 2.90
N LYS B 245 -30.06 -3.49 3.04
CA LYS B 245 -30.28 -4.77 3.73
C LYS B 245 -29.76 -5.91 2.88
N ALA B 246 -28.64 -6.51 3.29
CA ALA B 246 -27.92 -7.48 2.50
C ALA B 246 -28.66 -8.77 2.17
N SER B 247 -29.50 -9.25 3.09
CA SER B 247 -30.33 -10.47 2.86
C SER B 247 -31.25 -10.35 1.63
N GLU B 248 -31.63 -9.12 1.28
CA GLU B 248 -32.53 -8.89 0.16
C GLU B 248 -31.83 -8.86 -1.21
N ILE B 249 -30.50 -8.86 -1.24
CA ILE B 249 -29.80 -8.56 -2.49
C ILE B 249 -29.67 -9.81 -3.34
N LYS B 250 -30.13 -9.73 -4.57
CA LYS B 250 -30.10 -10.86 -5.51
C LYS B 250 -29.28 -10.48 -6.75
N ASN B 251 -28.74 -11.52 -7.38
CA ASN B 251 -28.16 -11.43 -8.69
C ASN B 251 -29.32 -11.13 -9.62
N MET B 252 -29.06 -10.37 -10.68
CA MET B 252 -30.14 -9.98 -11.59
C MET B 252 -30.41 -11.14 -12.50
N PRO B 253 -31.64 -11.71 -12.48
CA PRO B 253 -31.91 -12.87 -13.32
C PRO B 253 -31.52 -12.73 -14.78
N ALA B 254 -31.77 -11.57 -15.38
CA ALA B 254 -31.40 -11.31 -16.78
C ALA B 254 -29.90 -11.23 -17.02
N ALA B 255 -29.10 -11.15 -15.95
CA ALA B 255 -27.63 -11.22 -16.09
C ALA B 255 -27.14 -12.65 -16.18
N THR B 256 -28.02 -13.62 -16.01
CA THR B 256 -27.74 -14.98 -16.43
C THR B 256 -28.25 -15.09 -17.86
N THR B 257 -27.33 -15.19 -18.79
CA THR B 257 -27.68 -14.94 -20.18
C THR B 257 -26.54 -15.46 -21.00
N LYS B 258 -26.77 -15.62 -22.29
CA LYS B 258 -25.75 -16.12 -23.19
C LYS B 258 -24.66 -15.07 -23.31
N ASP B 259 -23.42 -15.48 -23.03
CA ASP B 259 -22.29 -14.56 -22.97
C ASP B 259 -21.82 -14.18 -24.36
N ALA B 260 -21.50 -12.90 -24.53
CA ALA B 260 -21.14 -12.35 -25.84
C ALA B 260 -19.91 -13.02 -26.43
N GLN B 261 -18.99 -13.48 -25.57
CA GLN B 261 -17.74 -14.04 -26.02
C GLN B 261 -17.74 -15.57 -26.06
N THR B 262 -18.24 -16.25 -25.02
CA THR B 262 -18.21 -17.72 -24.98
C THR B 262 -19.38 -18.38 -25.72
N ASN B 263 -20.45 -17.61 -25.95
CA ASN B 263 -21.70 -18.14 -26.47
C ASN B 263 -22.44 -19.13 -25.58
N THR B 264 -22.17 -19.11 -24.29
CA THR B 264 -22.87 -20.03 -23.39
C THR B 264 -23.60 -19.23 -22.31
N ILE B 265 -24.71 -19.76 -21.83
CA ILE B 265 -25.51 -19.11 -20.81
C ILE B 265 -24.67 -19.22 -19.54
N GLU B 266 -24.40 -18.08 -18.89
CA GLU B 266 -23.63 -18.03 -17.64
C GLU B 266 -24.19 -16.93 -16.75
N PRO B 267 -24.02 -17.08 -15.42
CA PRO B 267 -24.34 -15.96 -14.58
C PRO B 267 -23.24 -14.92 -14.66
N LEU B 268 -23.59 -13.73 -15.16
CA LEU B 268 -22.60 -12.69 -15.43
C LEU B 268 -22.62 -11.62 -14.38
N ASP B 269 -21.48 -10.98 -14.18
CA ASP B 269 -21.42 -9.71 -13.49
C ASP B 269 -22.17 -8.73 -14.36
N VAL B 270 -23.01 -7.92 -13.77
CA VAL B 270 -23.54 -6.74 -14.44
C VAL B 270 -23.08 -5.53 -13.66
N TRP B 271 -22.41 -4.60 -14.31
CA TRP B 271 -21.98 -3.38 -13.63
C TRP B 271 -22.52 -2.13 -14.26
N ASP B 272 -21.67 -1.26 -14.85
CA ASP B 272 -22.12 0.04 -15.30
C ASP B 272 -23.36 -0.14 -16.17
N SER B 273 -24.43 0.56 -15.80
CA SER B 273 -25.67 0.51 -16.55
C SER B 273 -26.25 1.89 -16.71
N TRP B 274 -26.99 2.08 -17.80
CA TRP B 274 -27.69 3.33 -18.02
C TRP B 274 -29.00 3.14 -18.74
N PRO B 275 -30.01 3.92 -18.34
CA PRO B 275 -31.28 3.82 -19.00
C PRO B 275 -31.29 4.59 -20.28
N VAL B 276 -32.12 4.20 -21.22
CA VAL B 276 -32.36 5.08 -22.36
C VAL B 276 -33.16 6.24 -21.80
N GLN B 277 -32.69 7.46 -22.02
CA GLN B 277 -33.36 8.62 -21.44
C GLN B 277 -33.79 9.61 -22.49
N ASP B 278 -34.68 10.50 -22.10
CA ASP B 278 -35.11 11.59 -22.98
C ASP B 278 -33.92 12.54 -23.09
N VAL B 279 -33.45 12.73 -24.29
CA VAL B 279 -32.29 13.56 -24.49
C VAL B 279 -32.37 14.96 -23.92
N ARG B 280 -33.55 15.58 -23.92
CA ARG B 280 -33.68 16.92 -23.38
C ARG B 280 -33.72 17.01 -21.86
N THR B 281 -34.40 16.08 -21.21
CA THR B 281 -34.53 16.13 -19.78
C THR B 281 -33.77 15.16 -18.96
N GLY B 282 -33.27 14.11 -19.57
CA GLY B 282 -32.66 13.01 -18.82
C GLY B 282 -33.63 12.06 -18.10
N GLN B 283 -34.94 12.29 -18.19
CA GLN B 283 -35.89 11.32 -17.58
C GLN B 283 -35.81 9.98 -18.31
N VAL B 284 -36.06 8.88 -17.62
CA VAL B 284 -36.08 7.58 -18.29
C VAL B 284 -37.16 7.57 -19.38
N ALA B 285 -36.78 7.19 -20.60
CA ALA B 285 -37.68 7.16 -21.73
C ALA B 285 -38.75 6.05 -21.63
N ASN B 286 -39.93 6.35 -22.16
CA ASN B 286 -40.96 5.36 -22.37
C ASN B 286 -40.95 5.00 -23.86
N TRP B 287 -40.40 3.84 -24.20
CA TRP B 287 -40.35 3.36 -25.57
C TRP B 287 -41.45 2.33 -25.75
N ASN B 288 -42.55 2.74 -26.37
CA ASN B 288 -43.66 1.83 -26.69
C ASN B 288 -44.10 1.06 -25.47
N GLY B 289 -44.13 1.71 -24.32
CA GLY B 289 -44.57 1.06 -23.08
C GLY B 289 -43.47 0.34 -22.32
N TYR B 290 -42.25 0.40 -22.83
CA TYR B 290 -41.10 -0.21 -22.18
C TYR B 290 -40.13 0.84 -21.63
N GLN B 291 -39.48 0.47 -20.53
CA GLN B 291 -38.21 1.08 -20.11
C GLN B 291 -37.09 0.22 -20.62
N LEU B 292 -36.00 0.87 -21.00
CA LEU B 292 -34.88 0.23 -21.68
C LEU B 292 -33.58 0.60 -20.96
N VAL B 293 -32.68 -0.36 -20.76
CA VAL B 293 -31.39 -0.13 -20.11
C VAL B 293 -30.30 -0.81 -20.90
N ILE B 294 -29.16 -0.16 -21.01
CA ILE B 294 -27.97 -0.76 -21.61
C ILE B 294 -26.96 -0.99 -20.51
N ALA B 295 -26.32 -2.15 -20.53
CA ALA B 295 -25.47 -2.58 -19.40
C ALA B 295 -24.24 -3.30 -19.80
N MET B 296 -23.11 -3.01 -19.14
CA MET B 296 -21.89 -3.79 -19.23
C MET B 296 -22.09 -5.11 -18.47
N MET B 297 -21.80 -6.22 -19.14
CA MET B 297 -21.86 -7.55 -18.49
C MET B 297 -20.73 -8.38 -18.96
N GLY B 298 -20.36 -9.34 -18.11
CA GLY B 298 -19.31 -10.26 -18.45
C GLY B 298 -19.07 -11.33 -17.39
N ILE B 299 -18.37 -12.37 -17.81
CA ILE B 299 -18.12 -13.50 -16.94
C ILE B 299 -17.11 -13.08 -15.87
N PRO B 300 -17.46 -13.30 -14.58
CA PRO B 300 -16.49 -13.00 -13.51
C PRO B 300 -15.12 -13.62 -13.75
N ASN B 301 -14.08 -12.82 -13.55
CA ASN B 301 -12.69 -13.24 -13.68
C ASN B 301 -12.22 -13.48 -15.11
N GLN B 302 -12.99 -13.03 -16.11
CA GLN B 302 -12.53 -13.06 -17.50
C GLN B 302 -12.49 -11.65 -18.04
N ASN B 303 -11.61 -11.40 -19.00
CA ASN B 303 -11.66 -10.17 -19.76
C ASN B 303 -12.84 -10.28 -20.74
N ASP B 304 -13.98 -9.75 -20.35
CA ASP B 304 -15.21 -9.93 -21.08
C ASP B 304 -16.06 -8.66 -20.92
N ASN B 305 -15.67 -7.61 -21.64
CA ASN B 305 -16.35 -6.31 -21.51
C ASN B 305 -17.21 -5.96 -22.73
N HIS B 306 -18.52 -6.17 -22.61
CA HIS B 306 -19.48 -5.90 -23.69
C HIS B 306 -20.78 -5.42 -23.13
N ILE B 307 -21.57 -4.76 -23.97
CA ILE B 307 -22.82 -4.14 -23.51
C ILE B 307 -24.00 -4.90 -24.06
N TYR B 308 -25.07 -4.93 -23.27
CA TYR B 308 -26.28 -5.68 -23.49
C TYR B 308 -27.48 -4.78 -23.32
N LEU B 309 -28.55 -5.08 -24.07
CA LEU B 309 -29.78 -4.31 -24.04
C LEU B 309 -30.81 -5.05 -23.24
N LEU B 310 -31.41 -4.36 -22.27
CA LEU B 310 -32.43 -4.96 -21.46
C LEU B 310 -33.72 -4.15 -21.52
N TYR B 311 -34.84 -4.83 -21.28
CA TYR B 311 -36.14 -4.15 -21.22
C TYR B 311 -37.04 -4.69 -20.13
N ASN B 312 -38.06 -3.92 -19.81
CA ASN B 312 -39.07 -4.27 -18.86
C ASN B 312 -40.22 -3.32 -19.19
N LYS B 313 -41.43 -3.66 -18.75
CA LYS B 313 -42.53 -2.70 -18.84
C LYS B 313 -42.17 -1.41 -18.11
N TYR B 314 -42.48 -0.28 -18.74
CA TYR B 314 -42.23 0.99 -18.12
C TYR B 314 -42.95 1.07 -16.78
N GLY B 315 -42.24 1.48 -15.73
CA GLY B 315 -42.82 1.67 -14.42
C GLY B 315 -42.78 0.42 -13.55
N ASP B 316 -42.50 -0.72 -14.17
CA ASP B 316 -42.43 -1.99 -13.45
C ASP B 316 -41.26 -1.96 -12.46
N ASN B 317 -41.50 -2.46 -11.25
CA ASN B 317 -40.57 -2.35 -10.15
C ASN B 317 -39.85 -3.64 -9.76
N GLU B 318 -40.00 -4.69 -10.54
CA GLU B 318 -39.44 -6.00 -10.17
C GLU B 318 -38.15 -6.29 -10.91
N LEU B 319 -37.05 -6.52 -10.17
CA LEU B 319 -35.76 -6.83 -10.79
C LEU B 319 -35.86 -8.01 -11.72
N SER B 320 -36.60 -9.02 -11.29
CA SER B 320 -36.79 -10.24 -12.07
C SER B 320 -37.58 -10.06 -13.36
N HIS B 321 -38.34 -8.96 -13.53
CA HIS B 321 -39.09 -8.77 -14.77
C HIS B 321 -38.22 -8.22 -15.90
N TRP B 322 -36.99 -7.80 -15.60
CA TRP B 322 -36.09 -7.39 -16.67
C TRP B 322 -35.69 -8.58 -17.50
N LYS B 323 -35.56 -8.36 -18.82
CA LYS B 323 -35.18 -9.38 -19.74
C LYS B 323 -34.05 -8.88 -20.64
N ASN B 324 -33.13 -9.78 -20.94
CA ASN B 324 -31.95 -9.46 -21.70
C ASN B 324 -32.16 -9.77 -23.18
N VAL B 325 -32.08 -8.75 -24.03
CA VAL B 325 -32.22 -8.93 -25.47
C VAL B 325 -30.95 -9.54 -26.03
N GLY B 326 -29.83 -9.33 -25.33
CA GLY B 326 -28.53 -9.85 -25.77
C GLY B 326 -27.50 -8.74 -25.97
N PRO B 327 -26.29 -9.13 -26.39
CA PRO B 327 -25.23 -8.15 -26.58
C PRO B 327 -25.48 -7.30 -27.82
N ILE B 328 -25.41 -5.98 -27.67
CA ILE B 328 -25.70 -5.05 -28.76
C ILE B 328 -24.91 -5.38 -30.01
N PHE B 329 -23.63 -5.65 -29.84
CA PHE B 329 -22.77 -5.91 -30.97
C PHE B 329 -22.56 -7.41 -31.21
N GLY B 330 -23.46 -8.23 -30.69
CA GLY B 330 -23.60 -9.61 -31.17
C GLY B 330 -22.83 -10.66 -30.41
N TYR B 331 -23.19 -11.93 -30.64
CA TYR B 331 -22.48 -13.04 -30.05
C TYR B 331 -21.18 -13.25 -30.80
N ASN B 332 -20.35 -14.15 -30.30
CA ASN B 332 -19.04 -14.43 -30.91
C ASN B 332 -18.15 -13.23 -30.99
N SER B 333 -18.26 -12.34 -29.99
CA SER B 333 -17.34 -11.21 -29.92
C SER B 333 -16.11 -11.64 -29.14
N THR B 334 -15.11 -10.76 -29.10
CA THR B 334 -13.85 -11.06 -28.42
C THR B 334 -13.35 -9.87 -27.60
N ALA B 335 -12.31 -10.13 -26.80
CA ALA B 335 -11.66 -9.09 -25.97
C ALA B 335 -10.81 -8.12 -26.78
N VAL B 336 -10.67 -8.36 -28.07
CA VAL B 336 -9.86 -7.47 -28.91
C VAL B 336 -10.63 -6.19 -29.23
N SER B 337 -11.96 -6.29 -29.24
CA SER B 337 -12.82 -5.12 -29.45
C SER B 337 -13.96 -5.15 -28.42
N GLN B 338 -13.87 -4.25 -27.45
CA GLN B 338 -14.78 -4.23 -26.29
C GLN B 338 -15.64 -2.98 -26.32
N GLU B 339 -16.71 -3.01 -25.53
CA GLU B 339 -17.55 -1.84 -25.33
C GLU B 339 -17.58 -1.48 -23.86
N TRP B 340 -17.19 -0.25 -23.53
CA TRP B 340 -17.41 0.28 -22.19
C TRP B 340 -18.46 1.41 -22.24
N SER B 341 -18.54 2.21 -21.18
CA SER B 341 -19.78 2.91 -20.89
C SER B 341 -20.01 4.17 -21.66
N GLY B 342 -21.28 4.57 -21.67
CA GLY B 342 -21.74 5.84 -22.24
C GLY B 342 -23.16 6.12 -21.83
N SER B 343 -24.01 6.38 -22.81
CA SER B 343 -25.38 6.85 -22.55
C SER B 343 -26.25 6.50 -23.76
N ALA B 344 -27.55 6.73 -23.64
CA ALA B 344 -28.45 6.39 -24.73
C ALA B 344 -29.76 7.17 -24.61
N VAL B 345 -30.25 7.62 -25.77
CA VAL B 345 -31.44 8.41 -25.83
C VAL B 345 -32.29 7.99 -27.01
N LEU B 346 -33.54 8.45 -27.01
CA LEU B 346 -34.42 8.31 -28.16
C LEU B 346 -34.21 9.44 -29.16
N ASN B 347 -34.01 9.05 -30.40
CA ASN B 347 -34.09 9.99 -31.50
C ASN B 347 -35.53 10.35 -31.81
N SER B 348 -35.69 11.34 -32.68
CA SER B 348 -37.01 11.89 -32.97
C SER B 348 -37.93 10.85 -33.55
N ASP B 349 -37.40 9.92 -34.33
CA ASP B 349 -38.19 8.83 -34.89
C ASP B 349 -38.30 7.57 -34.00
N ASN B 350 -37.93 7.66 -32.72
CA ASN B 350 -38.04 6.48 -31.81
C ASN B 350 -37.03 5.35 -32.02
N SER B 351 -36.02 5.58 -32.86
CA SER B 351 -34.79 4.81 -32.78
C SER B 351 -34.00 5.29 -31.57
N ILE B 352 -33.05 4.46 -31.13
CA ILE B 352 -32.17 4.79 -29.99
C ILE B 352 -30.81 5.23 -30.47
N GLN B 353 -30.34 6.39 -30.05
CA GLN B 353 -28.96 6.75 -30.28
C GLN B 353 -28.13 6.35 -29.06
N LEU B 354 -27.19 5.42 -29.31
CA LEU B 354 -26.27 4.91 -28.29
C LEU B 354 -24.97 5.63 -28.45
N PHE B 355 -24.45 6.09 -27.33
CA PHE B 355 -23.11 6.55 -27.21
C PHE B 355 -22.40 5.61 -26.26
N TYR B 356 -21.23 5.13 -26.70
CA TYR B 356 -20.50 4.14 -25.93
C TYR B 356 -19.00 4.30 -26.12
N THR B 357 -18.23 3.48 -25.41
CA THR B 357 -16.79 3.52 -25.54
C THR B 357 -16.35 2.28 -26.31
N ARG B 358 -15.83 2.51 -27.50
CA ARG B 358 -15.22 1.45 -28.29
C ARG B 358 -13.77 1.33 -27.84
N VAL B 359 -13.40 0.13 -27.38
CA VAL B 359 -12.06 -0.13 -26.90
C VAL B 359 -11.37 -1.18 -27.76
N ASP B 360 -10.30 -0.73 -28.43
CA ASP B 360 -9.49 -1.59 -29.33
C ASP B 360 -8.25 -1.99 -28.54
N THR B 361 -8.08 -3.29 -28.31
CA THR B 361 -6.91 -3.77 -27.57
C THR B 361 -5.86 -4.48 -28.42
N SER B 362 -5.88 -4.27 -29.74
CA SER B 362 -4.95 -4.96 -30.64
C SER B 362 -3.52 -4.44 -30.58
N ASP B 363 -3.32 -3.20 -30.14
CA ASP B 363 -1.96 -2.65 -29.99
C ASP B 363 -1.42 -3.05 -28.60
N ASN B 364 -0.87 -4.27 -28.55
CA ASN B 364 -0.23 -4.80 -27.36
C ASN B 364 -1.10 -4.78 -26.09
N ASN B 365 -2.39 -5.08 -26.28
CA ASN B 365 -3.36 -5.16 -25.19
C ASN B 365 -3.66 -3.87 -24.45
N THR B 366 -3.31 -2.73 -25.04
CA THR B 366 -3.64 -1.45 -24.41
C THR B 366 -5.16 -1.16 -24.51
N ASN B 367 -5.69 -0.39 -23.57
CA ASN B 367 -7.09 -0.01 -23.63
C ASN B 367 -7.29 1.27 -24.43
N HIS B 368 -7.15 1.13 -25.75
CA HIS B 368 -7.27 2.27 -26.67
C HIS B 368 -8.76 2.64 -26.78
N GLN B 369 -9.15 3.70 -26.09
CA GLN B 369 -10.55 4.10 -25.94
C GLN B 369 -10.98 5.18 -26.89
N LYS B 370 -12.19 5.03 -27.42
CA LYS B 370 -12.74 6.00 -28.36
C LYS B 370 -14.22 6.15 -28.05
N ILE B 371 -14.72 7.38 -28.13
CA ILE B 371 -16.14 7.63 -27.98
C ILE B 371 -16.80 7.31 -29.31
N ALA B 372 -17.76 6.40 -29.29
CA ALA B 372 -18.39 5.87 -30.48
C ALA B 372 -19.88 6.07 -30.35
N SER B 373 -20.57 5.91 -31.48
CA SER B 373 -22.01 5.99 -31.51
C SER B 373 -22.62 5.10 -32.57
N ALA B 374 -23.79 4.60 -32.25
CA ALA B 374 -24.55 3.80 -33.17
C ALA B 374 -26.04 4.01 -32.92
N THR B 375 -26.84 3.76 -33.96
CA THR B 375 -28.29 3.89 -33.89
C THR B 375 -28.85 2.50 -33.72
N LEU B 376 -29.75 2.30 -32.76
CA LEU B 376 -30.40 1.00 -32.59
C LEU B 376 -31.89 1.07 -32.97
N TYR B 377 -32.30 0.16 -33.86
CA TYR B 377 -33.71 0.00 -34.22
C TYR B 377 -34.27 -1.21 -33.54
N LEU B 378 -35.30 -0.98 -32.73
CA LEU B 378 -35.93 -2.05 -31.99
C LEU B 378 -37.30 -2.31 -32.57
N THR B 379 -37.81 -3.52 -32.34
CA THR B 379 -39.17 -3.88 -32.66
C THR B 379 -39.80 -4.59 -31.47
N ASP B 380 -41.13 -4.56 -31.43
CA ASP B 380 -41.91 -4.99 -30.28
C ASP B 380 -42.95 -5.94 -30.78
N ASN B 381 -42.90 -7.19 -30.34
CA ASN B 381 -43.54 -8.28 -31.07
C ASN B 381 -44.63 -9.08 -30.37
N ASN B 382 -45.09 -8.61 -29.23
CA ASN B 382 -46.04 -9.32 -28.32
C ASN B 382 -45.41 -9.50 -26.95
N GLY B 383 -45.00 -8.37 -26.36
CA GLY B 383 -44.36 -8.38 -25.06
C GLY B 383 -42.86 -8.63 -25.08
N ASN B 384 -42.31 -8.80 -26.28
CA ASN B 384 -40.87 -8.96 -26.46
C ASN B 384 -40.31 -7.82 -27.25
N VAL B 385 -39.20 -7.29 -26.77
CA VAL B 385 -38.43 -6.33 -27.52
C VAL B 385 -37.25 -7.06 -28.12
N SER B 386 -36.99 -6.79 -29.40
CA SER B 386 -35.88 -7.38 -30.15
C SER B 386 -35.04 -6.28 -30.76
N LEU B 387 -33.77 -6.58 -30.95
CA LEU B 387 -32.86 -5.67 -31.59
C LEU B 387 -32.89 -5.96 -33.09
N ALA B 388 -33.57 -5.12 -33.85
CA ALA B 388 -33.75 -5.33 -35.30
C ALA B 388 -32.52 -4.94 -36.09
N GLN B 389 -31.86 -3.83 -35.75
CA GLN B 389 -30.66 -3.40 -36.45
C GLN B 389 -29.79 -2.43 -35.63
N VAL B 390 -28.48 -2.49 -35.88
CA VAL B 390 -27.49 -1.58 -35.34
C VAL B 390 -26.83 -0.91 -36.53
N ALA B 391 -27.02 0.40 -36.66
CA ALA B 391 -26.57 1.12 -37.86
C ALA B 391 -25.65 2.26 -37.47
N ASN B 392 -24.87 2.69 -38.45
CA ASN B 392 -24.10 3.90 -38.37
C ASN B 392 -23.06 3.87 -37.24
N ASP B 393 -22.52 2.69 -36.93
CA ASP B 393 -21.53 2.57 -35.87
C ASP B 393 -20.23 3.23 -36.29
N HIS B 394 -19.81 4.26 -35.57
CA HIS B 394 -18.59 4.99 -35.95
C HIS B 394 -17.99 5.74 -34.76
N ILE B 395 -16.73 6.12 -34.90
CA ILE B 395 -16.03 6.88 -33.89
C ILE B 395 -16.45 8.34 -33.98
N VAL B 396 -16.76 8.95 -32.85
CA VAL B 396 -17.16 10.37 -32.78
C VAL B 396 -15.97 11.23 -32.36
N PHE B 397 -15.28 10.78 -31.33
CA PHE B 397 -14.21 11.55 -30.76
C PHE B 397 -13.21 10.67 -30.03
N GLU B 398 -11.92 10.91 -30.24
CA GLU B 398 -10.90 10.22 -29.43
C GLU B 398 -9.79 11.14 -28.94
N GLY B 399 -10.08 12.44 -28.84
CA GLY B 399 -9.12 13.40 -28.33
C GLY B 399 -8.50 14.23 -29.43
N ASP B 400 -8.14 15.45 -29.09
CA ASP B 400 -7.54 16.37 -30.04
C ASP B 400 -6.06 16.62 -29.77
N GLY B 401 -5.64 16.53 -28.51
CA GLY B 401 -4.25 16.81 -28.15
C GLY B 401 -4.05 18.08 -27.35
N TYR B 402 -4.89 19.09 -27.60
CA TYR B 402 -4.78 20.36 -26.89
C TYR B 402 -5.75 20.32 -25.72
N TYR B 403 -7.05 20.25 -26.01
CA TYR B 403 -8.06 20.17 -24.94
C TYR B 403 -8.00 18.85 -24.17
N TYR B 404 -7.87 17.74 -24.90
CA TYR B 404 -7.93 16.38 -24.34
C TYR B 404 -6.80 15.50 -24.87
N GLN B 405 -6.25 14.68 -23.99
CA GLN B 405 -5.15 13.79 -24.34
C GLN B 405 -5.55 12.71 -25.36
N THR B 406 -4.68 12.48 -26.35
CA THR B 406 -4.93 11.47 -27.37
C THR B 406 -4.22 10.15 -27.03
N TYR B 407 -4.59 9.07 -27.71
CA TYR B 407 -3.92 7.80 -27.51
C TYR B 407 -2.42 7.89 -27.87
N ASP B 408 -2.12 8.55 -28.98
CA ASP B 408 -0.72 8.71 -29.41
C ASP B 408 0.07 9.47 -28.32
N GLN B 409 -0.50 10.54 -27.78
CA GLN B 409 0.18 11.27 -26.71
C GLN B 409 0.48 10.36 -25.52
N TRP B 410 -0.52 9.60 -25.09
CA TRP B 410 -0.39 8.69 -23.95
C TRP B 410 0.72 7.69 -24.20
N LYS B 411 0.66 7.09 -25.38
CA LYS B 411 1.59 6.04 -25.75
C LYS B 411 3.01 6.60 -25.83
N ALA B 412 3.15 7.82 -26.33
CA ALA B 412 4.46 8.45 -26.46
C ALA B 412 5.27 8.48 -25.16
N THR B 413 4.60 8.74 -24.04
CA THR B 413 5.27 8.88 -22.75
C THR B 413 4.95 7.82 -21.69
N ASN B 414 4.01 6.92 -21.90
CA ASN B 414 3.62 6.01 -20.81
C ASN B 414 4.66 4.91 -20.60
N LYS B 415 5.14 4.83 -19.37
CA LYS B 415 5.96 3.69 -18.91
C LYS B 415 5.21 2.85 -17.85
N GLY B 416 3.93 3.12 -17.65
CA GLY B 416 3.10 2.33 -16.76
C GLY B 416 2.37 3.08 -15.67
N ALA B 417 2.57 4.39 -15.58
CA ALA B 417 1.94 5.17 -14.50
C ALA B 417 0.88 6.14 -15.02
N ASP B 418 0.67 6.25 -16.33
CA ASP B 418 -0.33 7.16 -16.87
C ASP B 418 -1.58 6.42 -17.22
N ASN B 419 -2.72 6.94 -16.78
CA ASN B 419 -4.00 6.35 -17.12
C ASN B 419 -4.36 6.80 -18.54
N ILE B 420 -5.16 5.98 -19.21
CA ILE B 420 -5.71 6.38 -20.47
C ILE B 420 -7.23 6.44 -20.32
N ALA B 421 -7.82 7.56 -20.76
CA ALA B 421 -9.25 7.78 -20.65
C ALA B 421 -9.86 8.61 -21.77
N MET B 422 -10.85 8.04 -22.44
CA MET B 422 -11.59 8.65 -23.52
C MET B 422 -12.88 7.81 -23.62
N ARG B 423 -13.79 8.05 -22.68
CA ARG B 423 -14.97 7.22 -22.50
C ARG B 423 -16.14 7.86 -21.74
N ASP B 424 -17.11 7.03 -21.40
CA ASP B 424 -18.26 7.43 -20.64
C ASP B 424 -18.94 8.71 -21.14
N ALA B 425 -19.27 8.80 -22.43
CA ALA B 425 -19.91 9.99 -22.96
C ALA B 425 -21.40 10.08 -22.58
N HIS B 426 -21.79 11.21 -22.02
CA HIS B 426 -23.17 11.50 -21.65
C HIS B 426 -23.79 12.47 -22.65
N VAL B 427 -24.77 12.01 -23.43
CA VAL B 427 -25.47 12.90 -24.36
C VAL B 427 -26.61 13.70 -23.69
N ILE B 428 -26.72 14.98 -24.04
CA ILE B 428 -27.72 15.89 -23.47
C ILE B 428 -28.05 16.97 -24.50
N GLU B 429 -29.32 17.37 -24.57
CA GLU B 429 -29.79 18.36 -25.55
C GLU B 429 -30.17 19.61 -24.79
N ASP B 430 -29.91 20.78 -25.38
CA ASP B 430 -30.39 22.09 -24.82
C ASP B 430 -31.80 22.40 -25.31
N ASP B 431 -32.32 23.57 -24.95
CA ASP B 431 -33.68 23.96 -25.36
C ASP B 431 -33.83 24.15 -26.87
N ASN B 432 -32.71 24.29 -27.56
CA ASN B 432 -32.75 24.44 -29.00
C ASN B 432 -32.55 23.16 -29.81
N GLY B 433 -32.66 22.01 -29.15
CA GLY B 433 -32.43 20.71 -29.84
C GLY B 433 -30.99 20.45 -30.30
N ASP B 434 -30.02 21.09 -29.66
CA ASP B 434 -28.61 20.86 -29.98
C ASP B 434 -27.99 19.90 -28.95
N ARG B 435 -27.35 18.84 -29.45
CA ARG B 435 -26.78 17.81 -28.61
C ARG B 435 -25.34 18.10 -28.26
N TYR B 436 -25.04 17.90 -26.99
CA TYR B 436 -23.68 17.95 -26.46
C TYR B 436 -23.27 16.58 -25.91
N LEU B 437 -21.97 16.32 -25.87
CA LEU B 437 -21.44 15.20 -25.09
C LEU B 437 -20.61 15.72 -23.95
N VAL B 438 -20.90 15.18 -22.77
CA VAL B 438 -20.10 15.42 -21.59
C VAL B 438 -19.43 14.10 -21.25
N PHE B 439 -18.10 14.10 -21.14
CA PHE B 439 -17.36 12.83 -21.20
C PHE B 439 -16.15 12.82 -20.33
N GLU B 440 -15.63 11.61 -20.12
CA GLU B 440 -14.41 11.42 -19.36
C GLU B 440 -13.18 11.41 -20.24
N ALA B 441 -12.19 12.20 -19.84
CA ALA B 441 -10.93 12.25 -20.57
C ALA B 441 -9.83 12.70 -19.63
N SER B 442 -8.65 13.00 -20.19
CA SER B 442 -7.54 13.62 -19.47
C SER B 442 -7.20 14.90 -20.22
N THR B 443 -6.61 15.90 -19.55
CA THR B 443 -6.28 17.18 -20.21
C THR B 443 -5.22 16.97 -21.27
N GLY B 444 -5.23 17.83 -22.28
CA GLY B 444 -4.15 17.84 -23.28
C GLY B 444 -3.16 18.95 -22.97
N LEU B 445 -2.46 19.39 -24.03
CA LEU B 445 -1.42 20.42 -23.92
C LEU B 445 -1.91 21.81 -23.49
N GLU B 446 -3.22 22.03 -23.48
CA GLU B 446 -3.77 23.23 -22.90
C GLU B 446 -3.34 23.37 -21.43
N ASN B 447 -3.29 22.27 -20.68
CA ASN B 447 -2.79 22.28 -19.31
C ASN B 447 -2.42 20.87 -18.90
N TYR B 448 -1.26 20.43 -19.36
CA TYR B 448 -0.95 19.01 -19.39
C TYR B 448 -0.43 18.49 -18.07
N GLN B 449 -0.56 17.19 -17.89
CA GLN B 449 0.11 16.50 -16.82
C GLN B 449 1.61 16.79 -16.87
N GLY B 450 2.23 16.78 -15.70
CA GLY B 450 3.69 16.87 -15.59
C GLY B 450 4.18 17.13 -14.17
N GLU B 451 5.49 17.00 -13.96
CA GLU B 451 6.11 17.20 -12.64
CA GLU B 451 6.11 17.19 -12.65
C GLU B 451 5.87 18.60 -12.11
N ASP B 452 5.87 19.58 -13.02
CA ASP B 452 5.68 20.99 -12.65
C ASP B 452 4.40 21.30 -11.86
N GLN B 453 3.38 20.45 -12.04
CA GLN B 453 2.09 20.64 -11.41
C GLN B 453 2.19 20.56 -9.90
N ILE B 454 3.20 19.83 -9.42
CA ILE B 454 3.47 19.72 -7.99
C ILE B 454 3.85 21.09 -7.45
N TYR B 455 4.40 21.94 -8.33
CA TYR B 455 4.87 23.29 -7.96
C TYR B 455 3.87 24.45 -8.23
N ASN B 456 2.62 24.09 -8.51
CA ASN B 456 1.57 25.05 -8.73
C ASN B 456 0.84 24.97 -7.45
N LEU B 458 -1.92 26.59 -7.02
CA LEU B 458 -3.32 26.62 -7.21
C LEU B 458 -3.91 25.23 -7.09
N ASN B 459 -3.13 24.22 -7.46
CA ASN B 459 -3.61 22.85 -7.38
C ASN B 459 -3.83 22.42 -5.96
N TYR B 460 -3.28 23.14 -5.00
CA TYR B 460 -3.46 22.80 -3.59
C TYR B 460 -4.76 23.35 -3.05
N GLY B 461 -4.96 24.67 -3.12
CA GLY B 461 -6.24 25.30 -2.80
C GLY B 461 -6.69 25.29 -1.34
N GLY B 462 -5.76 25.10 -0.40
CA GLY B 462 -6.14 25.14 1.02
C GLY B 462 -5.36 26.13 1.86
N ASP B 463 -5.45 25.93 3.18
CA ASP B 463 -4.66 26.63 4.21
C ASP B 463 -3.18 26.46 3.99
N ASP B 464 -2.39 27.39 4.53
CA ASP B 464 -0.92 27.31 4.42
C ASP B 464 -0.40 26.03 5.09
N ALA B 465 -0.86 25.75 6.32
CA ALA B 465 -0.48 24.53 7.03
C ALA B 465 -0.79 23.26 6.25
N PHE B 466 -2.02 23.18 5.75
CA PHE B 466 -2.40 22.04 4.91
C PHE B 466 -1.55 21.94 3.65
N ASN B 467 -1.37 23.07 2.95
CA ASN B 467 -0.63 23.07 1.70
C ASN B 467 0.79 22.61 1.89
N ILE B 468 1.48 23.17 2.88
CA ILE B 468 2.89 22.83 3.13
C ILE B 468 3.02 21.36 3.48
N LYS B 469 2.18 20.90 4.42
CA LYS B 469 2.24 19.51 4.88
C LYS B 469 2.01 18.55 3.73
N SER B 470 1.06 18.92 2.87
CA SER B 470 0.74 18.10 1.70
C SER B 470 1.92 18.10 0.70
N LEU B 471 2.49 19.27 0.40
CA LEU B 471 3.70 19.33 -0.46
C LEU B 471 4.79 18.40 0.09
N PHE B 472 5.03 18.50 1.37
CA PHE B 472 6.01 17.67 1.98
C PHE B 472 5.65 16.22 1.92
N ARG B 473 4.37 15.90 2.05
CA ARG B 473 3.93 14.52 2.04
C ARG B 473 4.12 13.94 0.67
N ILE B 474 3.82 14.74 -0.32
CA ILE B 474 4.02 14.39 -1.70
C ILE B 474 5.47 14.15 -1.94
N LEU B 475 6.30 15.08 -1.57
CA LEU B 475 7.70 14.98 -1.89
C LEU B 475 8.47 13.89 -1.22
N SER B 476 8.05 13.55 -0.03
CA SER B 476 8.72 12.48 0.64
C SER B 476 8.35 11.08 0.14
N ASN B 477 7.62 10.93 -0.98
CA ASN B 477 7.17 9.65 -1.46
C ASN B 477 7.14 9.61 -2.99
N ASP B 478 7.89 8.67 -3.55
CA ASP B 478 8.00 8.57 -5.01
C ASP B 478 6.67 8.22 -5.68
N ASP B 479 5.83 7.45 -5.00
CA ASP B 479 4.50 7.12 -5.56
C ASP B 479 3.59 8.37 -5.65
N ILE B 480 3.52 9.14 -4.57
CA ILE B 480 2.68 10.33 -4.55
C ILE B 480 3.21 11.30 -5.60
N LYS B 481 4.53 11.50 -5.61
CA LYS B 481 5.14 12.39 -6.60
C LYS B 481 4.84 11.94 -8.03
N SER B 482 4.92 10.63 -8.26
CA SER B 482 4.65 10.05 -9.58
C SER B 482 3.20 10.27 -9.99
N ARG B 483 2.28 9.89 -9.14
CA ARG B 483 0.85 10.08 -9.40
C ARG B 483 0.53 11.56 -9.68
N ALA B 484 1.09 12.46 -8.87
CA ALA B 484 0.93 13.90 -9.08
C ALA B 484 1.45 14.33 -10.44
N THR B 485 2.54 13.71 -10.87
CA THR B 485 3.18 13.97 -12.15
C THR B 485 2.37 13.52 -13.36
N TRP B 486 1.53 12.51 -13.16
CA TRP B 486 0.74 11.94 -14.23
C TRP B 486 -0.77 12.30 -14.15
N ALA B 487 -1.20 12.91 -13.05
CA ALA B 487 -2.64 13.15 -12.82
C ALA B 487 -3.16 14.33 -13.64
N ASN B 488 -4.18 14.07 -14.47
CA ASN B 488 -4.82 15.15 -15.22
C ASN B 488 -6.20 14.77 -15.77
N ALA B 489 -7.01 14.17 -14.91
CA ALA B 489 -8.38 13.81 -15.25
C ALA B 489 -9.15 15.04 -15.66
N ALA B 490 -10.06 14.84 -16.61
CA ALA B 490 -10.88 15.92 -17.14
C ALA B 490 -12.30 15.43 -17.42
N ILE B 491 -13.28 16.25 -17.09
CA ILE B 491 -14.62 16.07 -17.61
C ILE B 491 -14.79 17.02 -18.78
N GLY B 492 -14.84 16.47 -19.97
CA GLY B 492 -14.88 17.30 -21.15
C GLY B 492 -16.27 17.56 -21.65
N ILE B 493 -16.35 18.50 -22.59
CA ILE B 493 -17.59 18.77 -23.25
C ILE B 493 -17.33 19.15 -24.71
N LEU B 494 -18.21 18.69 -25.59
CA LEU B 494 -18.21 19.11 -26.98
C LEU B 494 -19.65 19.22 -27.46
N LYS B 495 -19.87 20.01 -28.50
CA LYS B 495 -21.16 20.10 -29.16
C LYS B 495 -21.15 19.26 -30.41
N LEU B 496 -22.22 18.51 -30.61
CA LEU B 496 -22.37 17.67 -31.76
C LEU B 496 -23.01 18.43 -32.90
N ASN B 497 -22.86 17.92 -34.11
CA ASN B 497 -23.56 18.48 -35.26
C ASN B 497 -25.05 18.13 -35.22
N LYS B 498 -25.79 18.45 -36.28
CA LYS B 498 -27.25 18.33 -36.23
C LYS B 498 -27.80 16.94 -36.54
N ASP B 499 -26.95 16.08 -37.07
CA ASP B 499 -27.42 14.80 -37.53
C ASP B 499 -27.57 13.84 -36.33
N GLU B 500 -28.82 13.63 -35.92
CA GLU B 500 -29.14 12.76 -34.80
C GLU B 500 -28.48 11.37 -34.93
N LYS B 501 -28.54 10.80 -36.14
CA LYS B 501 -28.12 9.41 -36.34
C LYS B 501 -26.70 9.26 -36.85
N ASN B 502 -26.04 10.36 -37.17
CA ASN B 502 -24.64 10.29 -37.54
C ASN B 502 -23.82 11.40 -36.89
N PRO B 503 -23.75 11.39 -35.53
CA PRO B 503 -23.10 12.47 -34.81
C PRO B 503 -21.59 12.63 -35.10
N LYS B 504 -21.18 13.90 -35.24
CA LYS B 504 -19.80 14.28 -35.38
C LYS B 504 -19.62 15.55 -34.58
N VAL B 505 -18.39 15.81 -34.16
CA VAL B 505 -18.07 16.98 -33.33
C VAL B 505 -18.25 18.28 -34.13
N ALA B 506 -18.98 19.25 -33.57
CA ALA B 506 -19.17 20.55 -34.23
C ALA B 506 -18.27 21.59 -33.59
N GLU B 507 -18.21 21.58 -32.26
CA GLU B 507 -17.40 22.51 -31.49
C GLU B 507 -16.78 21.75 -30.30
N LEU B 508 -15.49 21.95 -30.06
CA LEU B 508 -14.78 21.31 -28.95
C LEU B 508 -14.50 22.40 -27.93
N TYR B 509 -14.66 22.10 -26.65
CA TYR B 509 -14.38 23.06 -25.58
C TYR B 509 -13.37 22.52 -24.56
N SER B 510 -12.86 23.41 -23.74
CA SER B 510 -12.01 23.06 -22.61
C SER B 510 -12.88 22.36 -21.57
N PRO B 511 -12.26 21.59 -20.68
CA PRO B 511 -13.02 20.81 -19.72
C PRO B 511 -13.90 21.63 -18.80
N LEU B 512 -15.04 21.07 -18.40
CA LEU B 512 -15.86 21.64 -17.33
C LEU B 512 -15.17 21.56 -15.98
N ILE B 513 -14.49 20.45 -15.74
CA ILE B 513 -13.77 20.18 -14.51
C ILE B 513 -12.45 19.54 -14.91
N SER B 514 -11.39 19.80 -14.17
CA SER B 514 -10.15 19.05 -14.32
C SER B 514 -9.46 18.83 -12.98
N ALA B 515 -8.59 17.84 -12.91
CA ALA B 515 -7.92 17.53 -11.63
C ALA B 515 -6.38 17.37 -11.79
N PRO B 516 -5.72 18.34 -12.46
CA PRO B 516 -4.25 18.24 -12.62
C PRO B 516 -3.62 18.14 -11.26
N MET B 517 -2.65 17.23 -11.10
CA MET B 517 -1.96 16.96 -9.83
C MET B 517 -2.73 16.09 -8.85
N VAL B 518 -4.05 15.94 -9.05
CA VAL B 518 -4.93 15.46 -7.96
C VAL B 518 -5.52 14.07 -8.22
N SER B 519 -5.97 13.82 -9.45
CA SER B 519 -6.46 12.50 -9.86
C SER B 519 -6.31 12.29 -11.32
N ASP B 520 -6.08 11.04 -11.73
CA ASP B 520 -6.04 10.68 -13.14
C ASP B 520 -7.25 9.82 -13.58
N GLU B 521 -8.31 9.78 -12.75
CA GLU B 521 -9.55 9.10 -13.13
C GLU B 521 -10.84 9.58 -12.42
N ILE B 522 -11.70 10.26 -13.19
CA ILE B 522 -13.05 10.65 -12.72
C ILE B 522 -14.05 10.17 -13.77
N GLU B 523 -15.03 9.36 -13.34
CA GLU B 523 -15.80 8.52 -14.25
C GLU B 523 -17.28 8.90 -14.31
N ARG B 524 -17.96 8.35 -15.31
CA ARG B 524 -19.40 8.46 -15.46
C ARG B 524 -19.91 9.89 -15.28
N PRO B 525 -19.31 10.86 -16.00
CA PRO B 525 -19.79 12.22 -15.84
C PRO B 525 -21.26 12.34 -16.27
N ASN B 526 -22.03 13.17 -15.59
CA ASN B 526 -23.50 13.10 -15.73
C ASN B 526 -24.07 14.45 -15.45
N VAL B 527 -24.89 14.97 -16.36
CA VAL B 527 -25.48 16.30 -16.18
C VAL B 527 -26.99 16.11 -15.98
N VAL B 528 -27.52 16.70 -14.91
CA VAL B 528 -28.94 16.72 -14.63
C VAL B 528 -29.41 18.18 -14.51
N LYS B 529 -30.37 18.56 -15.35
CA LYS B 529 -31.00 19.87 -15.26
C LYS B 529 -32.12 19.83 -14.23
N LEU B 530 -32.06 20.72 -13.24
CA LEU B 530 -33.12 20.85 -12.21
C LEU B 530 -33.43 22.34 -12.03
N GLY B 531 -34.68 22.71 -12.26
CA GLY B 531 -35.04 24.10 -12.35
C GLY B 531 -34.26 24.73 -13.49
N ASN B 532 -33.66 25.88 -13.21
CA ASN B 532 -32.85 26.56 -14.20
C ASN B 532 -31.35 26.34 -13.92
N LYS B 533 -31.02 25.26 -13.22
CA LYS B 533 -29.62 24.97 -12.92
C LYS B 533 -29.14 23.62 -13.52
N TYR B 534 -27.83 23.50 -13.66
CA TYR B 534 -27.22 22.33 -14.27
C TYR B 534 -26.28 21.68 -13.28
N TYR B 535 -26.60 20.45 -12.93
CA TYR B 535 -25.83 19.70 -11.94
C TYR B 535 -24.96 18.68 -12.64
N LEU B 536 -23.65 18.83 -12.44
CA LEU B 536 -22.68 17.89 -13.02
C LEU B 536 -22.22 16.96 -11.92
N PHE B 537 -22.51 15.65 -12.08
CA PHE B 537 -22.04 14.62 -11.11
C PHE B 537 -21.05 13.68 -11.80
N ALA B 538 -20.23 13.01 -11.00
CA ALA B 538 -19.31 11.99 -11.47
C ALA B 538 -18.98 11.02 -10.35
N ALA B 539 -18.60 9.79 -10.72
CA ALA B 539 -18.17 8.79 -9.78
C ALA B 539 -16.66 8.75 -9.83
N THR B 540 -16.04 8.46 -8.70
CA THR B 540 -14.58 8.31 -8.70
C THR B 540 -14.16 7.40 -7.57
N ARG B 541 -13.04 6.72 -7.81
CA ARG B 541 -12.43 5.90 -6.81
C ARG B 541 -11.28 6.75 -6.29
N LEU B 542 -11.32 7.10 -5.01
CA LEU B 542 -10.28 8.00 -4.47
C LEU B 542 -8.90 7.33 -4.53
N ASN B 543 -8.82 6.00 -4.58
CA ASN B 543 -7.53 5.35 -4.79
C ASN B 543 -6.89 5.58 -6.17
N ARG B 544 -7.54 6.35 -7.05
CA ARG B 544 -6.89 6.78 -8.29
C ARG B 544 -6.34 8.21 -8.19
N GLY B 545 -6.46 8.81 -7.02
CA GLY B 545 -5.89 10.14 -6.79
C GLY B 545 -4.45 10.05 -6.33
N SER B 546 -3.76 11.19 -6.35
CA SER B 546 -2.34 11.28 -6.00
C SER B 546 -2.13 11.22 -4.50
N ASN B 547 -3.06 11.75 -3.75
CA ASN B 547 -2.89 11.76 -2.32
C ASN B 547 -3.08 10.40 -1.72
N ASP B 548 -2.04 9.59 -1.67
CA ASP B 548 -2.13 8.22 -1.14
C ASP B 548 -2.53 8.17 0.32
N ASP B 549 -2.13 9.15 1.08
CA ASP B 549 -2.50 9.17 2.48
C ASP B 549 -3.99 9.22 2.66
N ALA B 550 -4.63 10.08 1.89
CA ALA B 550 -6.08 10.31 2.01
C ALA B 550 -6.88 9.06 1.68
N TRP B 551 -6.57 8.41 0.56
CA TRP B 551 -7.36 7.24 0.20
C TRP B 551 -7.03 6.00 1.03
N MET B 552 -5.79 5.87 1.48
CA MET B 552 -5.45 4.77 2.41
C MET B 552 -6.18 4.94 3.74
N ASN B 553 -6.28 6.19 4.21
CA ASN B 553 -7.05 6.47 5.43
C ASN B 553 -8.54 6.14 5.23
N ALA B 554 -9.06 6.44 4.04
CA ALA B 554 -10.44 6.06 3.68
C ALA B 554 -10.62 4.55 3.79
N ASN B 555 -9.73 3.81 3.15
CA ASN B 555 -9.76 2.35 3.19
C ASN B 555 -9.70 1.82 4.62
N TYR B 556 -8.81 2.40 5.43
CA TYR B 556 -8.69 1.96 6.81
C TYR B 556 -9.99 2.22 7.59
N ALA B 557 -10.58 3.38 7.38
CA ALA B 557 -11.78 3.78 8.16
C ALA B 557 -13.09 3.10 7.72
N VAL B 558 -13.27 2.90 6.42
CA VAL B 558 -14.52 2.37 5.89
C VAL B 558 -14.36 1.03 5.17
N GLY B 559 -13.17 0.82 4.59
CA GLY B 559 -12.93 -0.39 3.78
C GLY B 559 -13.18 -0.13 2.30
N ASP B 560 -13.42 1.12 1.92
CA ASP B 560 -13.58 1.49 0.52
C ASP B 560 -13.25 2.97 0.37
N ASN B 561 -13.12 3.44 -0.86
CA ASN B 561 -12.70 4.79 -1.15
C ASN B 561 -13.50 5.45 -2.27
N VAL B 562 -14.68 4.92 -2.58
CA VAL B 562 -15.45 5.43 -3.72
C VAL B 562 -16.34 6.59 -3.28
N ALA B 563 -16.67 7.46 -4.23
CA ALA B 563 -17.56 8.57 -3.95
C ALA B 563 -18.25 9.05 -5.20
N MET B 564 -19.30 9.84 -5.00
CA MET B 564 -19.86 10.65 -6.06
C MET B 564 -19.58 12.09 -5.73
N VAL B 565 -19.07 12.81 -6.72
CA VAL B 565 -18.83 14.25 -6.60
C VAL B 565 -19.83 15.03 -7.44
N GLY B 566 -19.95 16.33 -7.16
CA GLY B 566 -21.00 17.13 -7.78
C GLY B 566 -20.70 18.61 -7.81
N TYR B 567 -21.16 19.24 -8.89
CA TYR B 567 -21.00 20.66 -9.13
C TYR B 567 -22.29 21.21 -9.71
N VAL B 568 -22.43 22.54 -9.70
CA VAL B 568 -23.63 23.20 -10.21
C VAL B 568 -23.28 24.45 -11.00
N ALA B 569 -24.02 24.69 -12.07
CA ALA B 569 -23.80 25.83 -12.95
C ALA B 569 -25.13 26.45 -13.33
N ASP B 570 -25.09 27.70 -13.78
CA ASP B 570 -26.28 28.42 -14.23
C ASP B 570 -26.51 28.25 -15.74
N SER B 571 -25.50 27.73 -16.45
CA SER B 571 -25.57 27.41 -17.87
C SER B 571 -25.02 26.01 -18.12
N LEU B 572 -25.52 25.32 -19.15
CA LEU B 572 -25.03 23.97 -19.50
C LEU B 572 -23.51 23.92 -19.63
N THR B 573 -22.94 24.94 -20.27
CA THR B 573 -21.50 25.03 -20.50
C THR B 573 -20.79 25.97 -19.53
N GLY B 574 -21.56 26.65 -18.67
CA GLY B 574 -21.03 27.79 -17.88
C GLY B 574 -20.20 27.23 -16.75
N SER B 575 -19.73 28.05 -15.82
CA SER B 575 -18.77 27.55 -14.85
C SER B 575 -19.45 26.77 -13.71
N TYR B 576 -18.95 25.56 -13.49
CA TYR B 576 -19.49 24.69 -12.46
C TYR B 576 -18.78 24.93 -11.10
N LYS B 577 -19.58 25.04 -10.06
CA LYS B 577 -19.09 25.27 -8.71
C LYS B 577 -19.42 24.08 -7.86
N PRO B 578 -18.50 23.67 -6.98
CA PRO B 578 -18.69 22.44 -6.20
C PRO B 578 -19.84 22.47 -5.25
N LEU B 579 -20.51 21.33 -5.09
CA LEU B 579 -21.54 21.20 -4.07
C LEU B 579 -20.88 20.86 -2.75
N ASN B 580 -21.52 21.22 -1.64
CA ASN B 580 -21.03 20.89 -0.27
C ASN B 580 -19.56 21.26 -0.06
N ASP B 581 -19.21 22.48 -0.48
CA ASP B 581 -17.86 23.03 -0.39
C ASP B 581 -16.79 22.36 -1.28
N SER B 582 -16.55 21.07 -1.06
CA SER B 582 -15.41 20.33 -1.69
C SER B 582 -15.78 19.63 -2.98
N GLY B 583 -17.08 19.45 -3.16
CA GLY B 583 -17.60 18.69 -4.27
C GLY B 583 -18.11 17.34 -3.81
N VAL B 584 -17.88 16.99 -2.56
CA VAL B 584 -18.39 15.72 -2.06
C VAL B 584 -19.91 15.70 -2.19
N VAL B 585 -20.44 14.55 -2.60
CA VAL B 585 -21.87 14.35 -2.65
C VAL B 585 -22.26 13.02 -2.01
N LEU B 586 -21.72 11.91 -2.53
CA LEU B 586 -21.88 10.62 -1.84
C LEU B 586 -20.54 10.01 -1.39
N THR B 587 -20.56 9.33 -0.25
CA THR B 587 -19.38 8.62 0.27
C THR B 587 -19.66 7.16 0.59
N ALA B 588 -18.71 6.31 0.25
CA ALA B 588 -18.77 4.88 0.56
C ALA B 588 -19.02 4.67 2.05
N SER B 589 -19.81 3.65 2.35
CA SER B 589 -20.26 3.38 3.71
C SER B 589 -20.02 1.96 4.16
N VAL B 590 -19.64 1.05 3.28
CA VAL B 590 -19.33 -0.31 3.68
C VAL B 590 -18.06 -0.76 2.95
N PRO B 591 -17.39 -1.81 3.46
CA PRO B 591 -16.14 -2.28 2.78
C PRO B 591 -16.36 -2.76 1.36
N ALA B 592 -15.32 -2.60 0.53
CA ALA B 592 -15.42 -2.86 -0.91
C ALA B 592 -15.74 -4.27 -1.27
N ASN B 593 -15.36 -5.23 -0.41
CA ASN B 593 -15.58 -6.63 -0.72
C ASN B 593 -16.85 -7.20 -0.09
N TRP B 594 -17.74 -6.34 0.40
CA TRP B 594 -19.05 -6.80 0.86
C TRP B 594 -20.06 -6.83 -0.28
N ARG B 595 -21.07 -7.64 -0.06
CA ARG B 595 -22.22 -7.74 -0.96
C ARG B 595 -22.80 -6.37 -1.27
N THR B 596 -22.96 -5.52 -0.26
CA THR B 596 -23.69 -4.28 -0.47
C THR B 596 -22.80 -3.10 -0.85
N ALA B 597 -21.54 -3.36 -1.17
CA ALA B 597 -20.68 -2.33 -1.73
C ALA B 597 -21.26 -1.86 -3.06
N THR B 598 -21.06 -0.58 -3.37
CA THR B 598 -21.60 0.02 -4.60
C THR B 598 -20.55 0.83 -5.33
N TYR B 599 -20.78 1.04 -6.63
CA TYR B 599 -19.98 1.96 -7.40
C TYR B 599 -20.76 2.39 -8.63
N SER B 600 -20.23 3.42 -9.31
CA SER B 600 -20.72 3.86 -10.59
C SER B 600 -22.08 4.55 -10.44
N TYR B 601 -22.17 5.40 -9.43
CA TYR B 601 -23.36 6.18 -9.10
C TYR B 601 -23.78 6.96 -10.30
N TYR B 602 -25.07 6.87 -10.63
CA TYR B 602 -25.65 7.57 -11.79
C TYR B 602 -27.02 8.12 -11.44
N ALA B 603 -27.09 9.45 -11.29
CA ALA B 603 -28.33 10.15 -10.91
C ALA B 603 -29.26 10.39 -12.09
N VAL B 604 -30.54 10.11 -11.86
CA VAL B 604 -31.59 10.22 -12.85
C VAL B 604 -32.61 11.21 -12.31
N PRO B 605 -33.11 12.13 -13.17
CA PRO B 605 -34.13 13.05 -12.69
C PRO B 605 -35.44 12.32 -12.41
N VAL B 606 -36.31 12.98 -11.65
CA VAL B 606 -37.58 12.40 -11.23
C VAL B 606 -38.66 13.36 -11.73
N ALA B 607 -39.67 12.81 -12.37
CA ALA B 607 -40.75 13.58 -12.93
C ALA B 607 -41.45 14.47 -11.90
N GLY B 608 -41.47 15.78 -12.18
CA GLY B 608 -42.17 16.73 -11.34
C GLY B 608 -41.53 17.02 -10.00
N LYS B 609 -40.24 16.69 -9.86
CA LYS B 609 -39.43 17.08 -8.72
C LYS B 609 -38.23 17.83 -9.28
N ASP B 610 -38.01 19.03 -8.77
CA ASP B 610 -36.94 19.88 -9.24
C ASP B 610 -35.84 20.01 -8.20
N ASP B 611 -35.97 19.27 -7.09
CA ASP B 611 -34.99 19.35 -6.00
C ASP B 611 -34.57 17.95 -5.52
N GLN B 612 -34.82 16.94 -6.34
CA GLN B 612 -34.43 15.57 -6.04
C GLN B 612 -33.98 14.83 -7.27
N VAL B 613 -33.05 13.90 -7.07
CA VAL B 613 -32.67 12.92 -8.10
C VAL B 613 -32.64 11.54 -7.49
N LEU B 614 -32.86 10.54 -8.32
CA LEU B 614 -32.77 9.14 -7.92
C LEU B 614 -31.38 8.62 -8.25
N VAL B 615 -30.65 8.16 -7.23
CA VAL B 615 -29.31 7.63 -7.45
C VAL B 615 -29.34 6.14 -7.71
N THR B 616 -28.91 5.74 -8.90
CA THR B 616 -28.73 4.33 -9.24
C THR B 616 -27.25 3.99 -9.16
N SER B 617 -26.93 2.71 -9.07
CA SER B 617 -25.56 2.23 -8.93
C SER B 617 -25.56 0.74 -9.18
N TYR B 618 -24.39 0.18 -9.47
CA TYR B 618 -24.23 -1.27 -9.36
C TYR B 618 -23.77 -1.64 -7.98
N MET B 619 -24.12 -2.86 -7.61
CA MET B 619 -23.88 -3.39 -6.28
C MET B 619 -23.07 -4.65 -6.37
N THR B 620 -22.14 -4.77 -5.44
CA THR B 620 -21.19 -5.88 -5.36
C THR B 620 -20.10 -5.72 -6.40
N ASN B 621 -18.86 -5.68 -5.94
CA ASN B 621 -17.76 -5.48 -6.87
C ASN B 621 -17.52 -6.74 -7.64
N ARG B 622 -16.94 -6.57 -8.82
CA ARG B 622 -16.81 -7.62 -9.81
C ARG B 622 -15.86 -8.75 -9.38
N ASN B 623 -15.91 -9.82 -10.16
CA ASN B 623 -14.95 -10.91 -10.15
C ASN B 623 -14.95 -11.77 -8.90
N GLY B 624 -16.11 -11.88 -8.26
CA GLY B 624 -16.27 -12.79 -7.12
C GLY B 624 -15.59 -12.32 -5.85
N VAL B 625 -15.24 -11.03 -5.73
CA VAL B 625 -14.54 -10.55 -4.54
C VAL B 625 -15.40 -10.64 -3.28
N ALA B 626 -16.72 -10.73 -3.45
CA ALA B 626 -17.65 -10.81 -2.32
C ALA B 626 -18.08 -12.23 -2.01
N GLY B 627 -17.56 -13.19 -2.74
CA GLY B 627 -17.91 -14.60 -2.64
C GLY B 627 -18.09 -15.17 -4.04
N LYS B 628 -17.89 -16.48 -4.22
CA LYS B 628 -18.14 -17.13 -5.48
C LYS B 628 -19.61 -16.99 -5.86
N GLY B 629 -19.89 -16.58 -7.10
CA GLY B 629 -21.28 -16.42 -7.57
C GLY B 629 -22.08 -15.31 -6.92
N MET B 630 -21.42 -14.45 -6.15
CA MET B 630 -21.99 -13.19 -5.72
C MET B 630 -21.62 -12.16 -6.80
N ASP B 631 -22.56 -11.98 -7.74
CA ASP B 631 -22.28 -11.26 -8.94
C ASP B 631 -22.61 -9.80 -8.77
N SER B 632 -21.93 -8.98 -9.56
CA SER B 632 -22.28 -7.59 -9.63
C SER B 632 -23.70 -7.55 -10.13
N THR B 633 -24.49 -6.68 -9.51
CA THR B 633 -25.90 -6.62 -9.79
C THR B 633 -26.36 -5.16 -9.70
N TRP B 634 -27.64 -4.91 -9.91
CA TRP B 634 -28.19 -3.58 -9.76
C TRP B 634 -28.54 -3.30 -8.33
N ALA B 635 -28.10 -2.16 -7.83
CA ALA B 635 -28.38 -1.74 -6.47
C ALA B 635 -29.82 -1.28 -6.35
N PRO B 636 -30.36 -1.32 -5.13
CA PRO B 636 -31.52 -0.47 -4.90
C PRO B 636 -31.10 0.98 -5.10
N SER B 637 -32.03 1.80 -5.59
CA SER B 637 -31.81 3.22 -5.81
C SER B 637 -32.36 4.03 -4.65
N PHE B 638 -31.91 5.26 -4.51
CA PHE B 638 -32.31 6.08 -3.38
C PHE B 638 -32.33 7.53 -3.78
N LEU B 639 -33.19 8.30 -3.12
CA LEU B 639 -33.31 9.72 -3.40
C LEU B 639 -32.24 10.58 -2.72
N LEU B 640 -31.77 11.56 -3.47
CA LEU B 640 -30.80 12.53 -3.03
C LEU B 640 -31.48 13.89 -3.18
N GLN B 641 -31.54 14.64 -2.08
CA GLN B 641 -32.09 15.98 -2.09
C GLN B 641 -31.08 17.00 -2.50
N ILE B 642 -31.45 17.86 -3.44
CA ILE B 642 -30.59 18.95 -3.89
C ILE B 642 -31.12 20.26 -3.30
N ASN B 643 -30.34 20.92 -2.45
CA ASN B 643 -30.78 22.15 -1.76
C ASN B 643 -30.36 23.42 -2.49
N PRO B 644 -31.12 24.51 -2.29
CA PRO B 644 -30.84 25.78 -2.96
C PRO B 644 -29.50 26.43 -2.61
N ASP B 645 -28.96 26.14 -1.44
CA ASP B 645 -27.66 26.71 -1.01
C ASP B 645 -26.48 25.83 -1.44
N ASN B 646 -26.65 25.11 -2.55
CA ASN B 646 -25.62 24.25 -3.09
C ASN B 646 -25.11 23.20 -2.14
N THR B 647 -26.01 22.64 -1.34
CA THR B 647 -25.71 21.48 -0.55
C THR B 647 -26.65 20.38 -0.98
N THR B 648 -26.39 19.17 -0.51
CA THR B 648 -27.24 18.04 -0.79
C THR B 648 -27.38 17.21 0.47
N THR B 649 -28.43 16.41 0.52
CA THR B 649 -28.62 15.49 1.61
C THR B 649 -29.23 14.20 1.10
N VAL B 650 -28.67 13.08 1.53
CA VAL B 650 -29.20 11.76 1.16
C VAL B 650 -30.49 11.58 1.92
N LEU B 651 -31.50 10.97 1.30
CA LEU B 651 -32.78 10.76 1.92
C LEU B 651 -32.97 9.28 2.16
N ALA B 652 -33.70 8.93 3.20
CA ALA B 652 -34.01 7.51 3.49
C ALA B 652 -35.19 7.01 2.66
N LYS B 653 -35.11 7.22 1.35
CA LYS B 653 -36.17 6.81 0.43
C LYS B 653 -35.50 5.89 -0.56
N MET B 654 -35.93 4.64 -0.59
CA MET B 654 -35.18 3.62 -1.28
C MET B 654 -36.17 2.83 -2.09
N THR B 655 -35.70 2.23 -3.17
CA THR B 655 -36.53 1.45 -4.08
C THR B 655 -36.13 0.00 -4.01
N ASN B 656 -36.76 -0.83 -4.82
CA ASN B 656 -36.25 -2.15 -5.08
C ASN B 656 -34.95 -2.04 -5.89
N GLN B 657 -34.24 -3.17 -5.99
CA GLN B 657 -33.06 -3.26 -6.84
C GLN B 657 -33.46 -2.96 -8.27
N GLY B 658 -32.62 -2.18 -8.93
CA GLY B 658 -32.76 -1.98 -10.35
C GLY B 658 -33.95 -1.12 -10.74
N ASP B 659 -34.35 -0.22 -9.85
CA ASP B 659 -35.45 0.69 -10.17
C ASP B 659 -34.89 2.02 -10.70
N TRP B 660 -35.25 2.31 -11.93
CA TRP B 660 -34.76 3.50 -12.62
C TRP B 660 -35.75 4.66 -12.61
N ILE B 661 -36.96 4.41 -12.14
CA ILE B 661 -38.05 5.35 -12.25
C ILE B 661 -38.70 5.56 -10.89
N TRP B 662 -38.44 6.70 -10.27
CA TRP B 662 -39.07 6.93 -8.99
C TRP B 662 -40.52 7.37 -9.18
N ASP B 663 -41.41 6.76 -8.40
CA ASP B 663 -42.75 7.30 -8.20
C ASP B 663 -43.27 6.81 -6.85
N ASP B 664 -44.52 7.12 -6.51
CA ASP B 664 -45.08 6.74 -5.20
C ASP B 664 -45.25 5.24 -5.02
N SER B 665 -45.28 4.50 -6.12
CA SER B 665 -45.38 3.03 -6.08
C SER B 665 -44.04 2.35 -5.76
N SER B 666 -42.94 3.10 -5.86
CA SER B 666 -41.60 2.53 -5.94
C SER B 666 -40.89 2.40 -4.59
N GLU B 667 -41.32 3.17 -3.59
CA GLU B 667 -40.72 3.09 -2.26
C GLU B 667 -40.80 1.66 -1.72
N ASN B 668 -39.67 1.15 -1.23
CA ASN B 668 -39.65 -0.11 -0.53
C ASN B 668 -38.75 0.01 0.69
N LEU B 669 -39.38 0.37 1.81
CA LEU B 669 -38.70 0.53 3.10
C LEU B 669 -37.99 -0.72 3.61
N ASP B 670 -38.46 -1.90 3.21
CA ASP B 670 -37.81 -3.16 3.57
C ASP B 670 -36.35 -3.26 3.12
N MET B 671 -35.98 -2.54 2.05
CA MET B 671 -34.62 -2.65 1.49
C MET B 671 -33.59 -1.92 2.30
N ILE B 672 -34.02 -0.96 3.11
CA ILE B 672 -33.09 -0.13 3.87
C ILE B 672 -32.52 -0.97 5.00
N GLY B 673 -31.18 -1.03 5.06
CA GLY B 673 -30.49 -1.79 6.09
C GLY B 673 -29.92 -0.92 7.18
N ASP B 674 -29.19 -1.55 8.09
CA ASP B 674 -28.48 -0.83 9.15
C ASP B 674 -27.06 -1.36 9.21
N LEU B 675 -26.24 -0.79 10.08
CA LEU B 675 -24.83 -1.19 10.16
C LEU B 675 -24.67 -2.70 10.27
N ASP B 676 -25.65 -3.35 10.91
CA ASP B 676 -25.66 -4.81 11.03
C ASP B 676 -26.13 -5.56 9.78
N SER B 677 -27.37 -5.26 9.34
CA SER B 677 -27.98 -5.94 8.19
C SER B 677 -27.28 -5.61 6.87
N ALA B 678 -26.47 -4.56 6.83
CA ALA B 678 -25.65 -4.23 5.65
C ALA B 678 -24.64 -5.32 5.28
N ALA B 679 -24.37 -6.21 6.24
CA ALA B 679 -23.38 -7.27 6.11
C ALA B 679 -24.06 -8.62 6.14
N LEU B 680 -23.67 -9.50 5.23
CA LEU B 680 -24.12 -10.88 5.24
C LEU B 680 -23.39 -11.60 6.37
N PRO B 681 -23.91 -12.78 6.80
CA PRO B 681 -23.21 -13.51 7.85
C PRO B 681 -21.81 -13.87 7.39
N GLY B 682 -20.82 -13.51 8.20
CA GLY B 682 -19.42 -13.90 7.95
C GLY B 682 -18.57 -12.84 7.29
N GLU B 683 -19.21 -11.85 6.68
CA GLU B 683 -18.49 -10.78 6.00
C GLU B 683 -17.63 -9.96 6.96
N ARG B 684 -18.13 -9.68 8.16
CA ARG B 684 -17.30 -8.91 9.11
C ARG B 684 -15.93 -9.54 9.42
N ASP B 685 -15.86 -10.88 9.37
CA ASP B 685 -14.63 -11.62 9.68
C ASP B 685 -13.86 -12.07 8.45
N LYS B 686 -14.31 -11.67 7.27
CA LYS B 686 -13.60 -11.95 6.02
C LYS B 686 -12.32 -11.11 5.98
N PRO B 687 -11.27 -11.62 5.32
CA PRO B 687 -10.09 -10.79 5.15
C PRO B 687 -10.36 -9.62 4.20
N VAL B 688 -9.61 -8.55 4.39
CA VAL B 688 -9.57 -7.45 3.45
C VAL B 688 -9.03 -7.92 2.09
N ASP B 689 -9.67 -7.48 1.01
CA ASP B 689 -9.15 -7.73 -0.35
C ASP B 689 -8.36 -6.52 -0.72
N TRP B 690 -7.04 -6.62 -0.55
CA TRP B 690 -6.14 -5.48 -0.73
C TRP B 690 -6.03 -5.05 -2.21
N ASP B 691 -5.99 -6.00 -3.13
CA ASP B 691 -5.94 -5.63 -4.57
C ASP B 691 -7.14 -4.78 -4.92
N LEU B 692 -8.31 -5.18 -4.46
CA LEU B 692 -9.53 -4.45 -4.78
C LEU B 692 -9.47 -2.97 -4.35
N ILE B 693 -9.06 -2.72 -3.11
CA ILE B 693 -9.06 -1.34 -2.56
C ILE B 693 -7.75 -0.56 -2.76
N GLY B 694 -6.71 -1.22 -3.27
CA GLY B 694 -5.45 -0.58 -3.62
C GLY B 694 -5.32 -0.12 -5.07
#